data_4MH0
#
_entry.id   4MH0
#
_cell.length_a   125.758
_cell.length_b   148.744
_cell.length_c   225.165
_cell.angle_alpha   90.00
_cell.angle_beta   90.00
_cell.angle_gamma   90.00
#
_symmetry.space_group_name_H-M   'I 21 21 21'
#
loop_
_entity.id
_entity.type
_entity.pdbx_description
1 polymer 'Rap guanine nucleotide exchange factor 4'
2 polymer 'Ras-related protein Rap-1b'
3 non-polymer '(2S,4aR,6R,7R,7aS)-6-{6-amino-8-[(4-fluorobenzyl)sulfanyl]-9H-purin-9-yl}-2-sulfanyltetrahydro-4H-furo[3,2-d][1,3,2]dioxaphosphinin-7-ol 2-oxide'
4 non-polymer 'SULFATE ION'
5 water water
#
loop_
_entity_poly.entity_id
_entity_poly.type
_entity_poly.pdbx_seq_one_letter_code
_entity_poly.pdbx_strand_id
1 'polypeptide(L)'
;GSPESFPDAHMRMILRKPPGQRTVDDLEIIYDELLHIKALSHLSTTVKRELAGVLIFESHAKGGTVLFNQGEEGTSWYII
LKGSVNVVIYGKGVVCTLHEGDDFGKLALVNDAPRAASIVLREDNCHFLRVDKEDFNRILRDVEANTVRLKEHDQDVLVL
EKVPAGNRAANQGNSQPQQKYTVMSGTPEKILEHFLETIRLEPSLNEATDSVLNDFVMMHCVFMPNTQLCPALVAHYHAQ
PSQGTEQERMDYALNNKRRVIRLVLQWAAMYGDLLQEDDVAMAFLEEFYVSVSDDARMMAAFKEQLPELEKIVKQISEDA
KAPQKKHKVLLQQFNTGDERAQKRQPIRGSDEVLFKVYCIDHTYTTIRVPVAASVKEVISAVADKLGSGEGLIIVKMNSG
GEKVVLKSNDVSVFTTLTINGRLFACPREQFDSLTPLPEQEGPTTGTVGTFELMSSKDLAYQMTTYDWELFNCVHELELI
YHTFGRHNFKKTTANLDLFLRRFNEIQFWVVTEVCLCSQLSKRVQLLKKFIKIAAHCKEYKNLNSFFAIVMGLSNVAVSR
LALTWEKLPSKFKKFYAEFESLMDPSRNHRAYRLTAAKLEPPLIPFMPLLIKDMTFTHEGNKTFIDNLVNFEKMRMIANT
ARTVRYYRSQPFNPDAAQANKNHQDVRSYVRQLNVIDNQRTLSQMSHRLEPRRP
;
E
2 'polypeptide(L)'
;MREYKLVVLGSGGVGKSALTVQFVQGIFVEKYDPTIEDSYRKQVEVDAQQCMLEILDTAGTEQFTAMRDLYMKNGQGFAL
VYSITAQSTFNDLQDLREQILRVKDTDDVPMILVGNKCDLEDERVVGKEQGQNLARQWNNCAFLESSAKSKINVNEIFYD
LVRQINR
;
R
#
# COMPACT_ATOMS: atom_id res chain seq x y z
N MET A 11 47.87 -15.30 -30.16
CA MET A 11 46.64 -15.35 -29.32
C MET A 11 45.94 -13.99 -29.30
N ARG A 12 46.71 -12.93 -29.04
CA ARG A 12 46.18 -11.57 -29.03
C ARG A 12 45.79 -11.14 -30.44
N MET A 13 46.64 -11.49 -31.41
CA MET A 13 46.38 -11.27 -32.83
C MET A 13 45.06 -11.92 -33.25
N ILE A 14 44.89 -13.18 -32.83
CA ILE A 14 43.70 -13.98 -33.10
C ILE A 14 42.43 -13.26 -32.62
N LEU A 15 42.50 -12.72 -31.40
CA LEU A 15 41.37 -12.00 -30.80
C LEU A 15 41.22 -10.57 -31.30
N ARG A 16 42.26 -10.05 -31.96
CA ARG A 16 42.21 -8.73 -32.59
C ARG A 16 41.60 -8.79 -33.99
N LYS A 17 41.60 -9.97 -34.59
CA LYS A 17 41.01 -10.20 -35.91
C LYS A 17 39.50 -9.98 -35.86
N PRO A 18 38.94 -9.37 -36.93
CA PRO A 18 37.49 -9.23 -37.05
C PRO A 18 36.78 -10.59 -37.00
N PRO A 19 35.57 -10.63 -36.41
CA PRO A 19 34.76 -11.85 -36.28
C PRO A 19 34.72 -12.72 -37.53
N GLY A 20 34.53 -12.09 -38.70
CA GLY A 20 34.42 -12.82 -39.96
C GLY A 20 35.74 -13.20 -40.61
N GLN A 21 36.84 -12.98 -39.91
CA GLN A 21 38.17 -13.32 -40.41
C GLN A 21 38.84 -14.40 -39.57
N ARG A 22 38.10 -14.97 -38.63
CA ARG A 22 38.62 -16.00 -37.74
C ARG A 22 38.44 -17.39 -38.33
N THR A 23 39.53 -18.16 -38.35
CA THR A 23 39.53 -19.50 -38.91
C THR A 23 38.92 -20.51 -37.93
N VAL A 24 38.65 -21.72 -38.43
CA VAL A 24 38.13 -22.80 -37.60
C VAL A 24 39.08 -23.14 -36.47
N ASP A 25 40.38 -23.21 -36.79
CA ASP A 25 41.42 -23.49 -35.80
C ASP A 25 41.58 -22.35 -34.79
N ASP A 26 41.40 -21.11 -35.27
CA ASP A 26 41.39 -19.92 -34.41
C ASP A 26 40.27 -20.03 -33.39
N LEU A 27 39.07 -20.35 -33.88
CA LEU A 27 37.88 -20.51 -33.05
C LEU A 27 38.04 -21.57 -31.97
N GLU A 28 38.73 -22.66 -32.28
CA GLU A 28 38.97 -23.75 -31.34
C GLU A 28 39.91 -23.33 -30.21
N ILE A 29 40.97 -22.61 -30.58
CA ILE A 29 41.96 -22.11 -29.64
C ILE A 29 41.36 -21.07 -28.69
N ILE A 30 40.56 -20.15 -29.24
CA ILE A 30 39.87 -19.13 -28.45
C ILE A 30 38.94 -19.78 -27.43
N TYR A 31 38.14 -20.74 -27.89
CA TYR A 31 37.20 -21.45 -27.02
C TYR A 31 37.89 -22.10 -25.82
N ASP A 32 39.05 -22.72 -26.07
CA ASP A 32 39.83 -23.35 -25.01
C ASP A 32 40.28 -22.35 -23.94
N GLU A 33 40.54 -21.11 -24.38
CA GLU A 33 40.90 -20.03 -23.47
C GLU A 33 39.71 -19.50 -22.68
N LEU A 34 38.53 -19.51 -23.31
CA LEU A 34 37.31 -19.02 -22.67
C LEU A 34 36.88 -19.87 -21.49
N LEU A 35 37.35 -21.11 -21.46
CA LEU A 35 37.05 -22.05 -20.38
C LEU A 35 37.80 -21.72 -19.08
N HIS A 36 38.82 -20.86 -19.18
CA HIS A 36 39.60 -20.43 -18.03
C HIS A 36 39.12 -19.08 -17.47
N ILE A 37 38.28 -18.39 -18.24
CA ILE A 37 37.74 -17.10 -17.83
C ILE A 37 36.50 -17.32 -16.95
N LYS A 38 36.59 -16.83 -15.71
CA LYS A 38 35.58 -17.07 -14.69
C LYS A 38 34.27 -16.31 -14.90
N ALA A 39 34.34 -15.18 -15.61
CA ALA A 39 33.15 -14.40 -15.94
C ALA A 39 32.21 -15.13 -16.91
N LEU A 40 32.75 -16.15 -17.59
CA LEU A 40 32.00 -16.90 -18.60
C LEU A 40 31.65 -18.31 -18.12
N SER A 41 32.21 -18.70 -16.97
CA SER A 41 32.09 -20.08 -16.46
C SER A 41 30.65 -20.56 -16.21
N HIS A 42 29.74 -19.60 -15.97
CA HIS A 42 28.33 -19.92 -15.75
C HIS A 42 27.54 -20.09 -17.06
N LEU A 43 28.21 -19.86 -18.19
CA LEU A 43 27.59 -19.99 -19.50
C LEU A 43 27.79 -21.37 -20.09
N SER A 44 26.92 -21.76 -21.02
CA SER A 44 26.96 -23.08 -21.64
C SER A 44 28.06 -23.20 -22.69
N THR A 45 28.37 -24.45 -23.05
CA THR A 45 29.26 -24.79 -24.17
C THR A 45 28.79 -24.11 -25.44
N THR A 46 27.49 -24.25 -25.72
CA THR A 46 26.86 -23.67 -26.90
C THR A 46 27.12 -22.16 -27.00
N VAL A 47 26.88 -21.45 -25.90
CA VAL A 47 27.06 -20.00 -25.84
C VAL A 47 28.52 -19.60 -26.01
N LYS A 48 29.41 -20.34 -25.35
CA LYS A 48 30.84 -20.04 -25.38
C LYS A 48 31.50 -20.31 -26.74
N ARG A 49 30.93 -21.24 -27.51
CA ARG A 49 31.41 -21.48 -28.88
C ARG A 49 31.03 -20.31 -29.78
N GLU A 50 29.83 -19.76 -29.58
CA GLU A 50 29.36 -18.59 -30.32
C GLU A 50 30.15 -17.34 -29.96
N LEU A 51 30.53 -17.23 -28.69
CA LEU A 51 31.31 -16.09 -28.20
C LEU A 51 32.74 -16.09 -28.74
N ALA A 52 33.24 -17.27 -29.08
CA ALA A 52 34.60 -17.43 -29.61
C ALA A 52 34.84 -16.65 -30.91
N GLY A 53 33.78 -16.47 -31.70
CA GLY A 53 33.87 -15.73 -32.95
C GLY A 53 33.27 -14.33 -32.88
N VAL A 54 33.25 -13.75 -31.69
CA VAL A 54 32.63 -12.44 -31.45
C VAL A 54 33.45 -11.58 -30.48
N LEU A 55 34.00 -12.22 -29.45
CA LEU A 55 34.78 -11.55 -28.40
C LEU A 55 36.02 -10.83 -28.94
N ILE A 56 36.08 -9.52 -28.70
CA ILE A 56 37.18 -8.68 -29.16
C ILE A 56 38.17 -8.41 -28.03
N PHE A 57 39.46 -8.56 -28.33
CA PHE A 57 40.52 -8.19 -27.40
C PHE A 57 40.82 -6.71 -27.54
N GLU A 58 40.85 -6.01 -26.41
CA GLU A 58 41.13 -4.60 -26.37
C GLU A 58 42.25 -4.31 -25.38
N SER A 59 43.22 -3.51 -25.80
CA SER A 59 44.34 -3.14 -24.94
C SER A 59 44.55 -1.64 -24.93
N HIS A 60 44.90 -1.11 -23.76
CA HIS A 60 45.26 0.29 -23.59
C HIS A 60 46.42 0.39 -22.61
N ALA A 61 47.42 1.19 -22.95
CA ALA A 61 48.66 1.25 -22.18
C ALA A 61 48.64 2.27 -21.05
N LYS A 62 48.10 3.46 -21.32
CA LYS A 62 48.13 4.57 -20.36
C LYS A 62 47.08 4.45 -19.25
N GLY A 63 47.51 4.69 -18.02
CA GLY A 63 46.58 4.90 -16.90
C GLY A 63 45.87 6.22 -17.11
N GLY A 64 44.59 6.26 -16.77
CA GLY A 64 43.79 7.47 -16.96
C GLY A 64 43.13 7.56 -18.33
N THR A 65 43.27 6.51 -19.13
CA THR A 65 42.61 6.42 -20.43
C THR A 65 41.13 6.10 -20.22
N VAL A 66 40.27 6.83 -20.93
CA VAL A 66 38.82 6.70 -20.82
C VAL A 66 38.27 5.64 -21.78
N LEU A 67 37.62 4.62 -21.23
CA LEU A 67 36.91 3.61 -22.02
C LEU A 67 35.58 4.17 -22.55
N PHE A 68 34.74 4.65 -21.62
CA PHE A 68 33.52 5.38 -21.99
C PHE A 68 33.09 6.36 -20.89
N ASN A 69 32.23 7.30 -21.28
CA ASN A 69 31.79 8.36 -20.38
C ASN A 69 30.33 8.23 -19.95
N GLN A 70 30.05 8.71 -18.75
CA GLN A 70 28.69 8.84 -18.23
C GLN A 70 27.83 9.63 -19.22
N GLY A 71 26.62 9.15 -19.46
CA GLY A 71 25.69 9.80 -20.39
C GLY A 71 25.68 9.23 -21.80
N GLU A 72 26.77 8.58 -22.20
CA GLU A 72 26.90 8.00 -23.53
C GLU A 72 26.02 6.76 -23.71
N GLU A 73 25.82 6.37 -24.97
CA GLU A 73 25.08 5.15 -25.32
C GLU A 73 25.86 3.92 -24.88
N GLY A 74 25.14 2.92 -24.39
CA GLY A 74 25.75 1.64 -24.03
C GLY A 74 25.93 0.78 -25.27
N THR A 75 27.18 0.73 -25.76
CA THR A 75 27.48 0.03 -27.01
C THR A 75 28.31 -1.25 -26.83
N SER A 76 28.82 -1.46 -25.61
CA SER A 76 29.71 -2.59 -25.34
C SER A 76 29.60 -3.16 -23.93
N TRP A 77 29.87 -4.45 -23.81
CA TRP A 77 29.99 -5.13 -22.52
C TRP A 77 31.44 -5.59 -22.37
N TYR A 78 32.01 -5.38 -21.19
CA TYR A 78 33.44 -5.60 -20.97
C TYR A 78 33.75 -6.65 -19.92
N ILE A 79 34.85 -7.36 -20.12
CA ILE A 79 35.43 -8.24 -19.10
C ILE A 79 36.90 -7.84 -18.94
N ILE A 80 37.37 -7.75 -17.71
CA ILE A 80 38.76 -7.37 -17.44
C ILE A 80 39.68 -8.60 -17.41
N LEU A 81 40.70 -8.59 -18.28
CA LEU A 81 41.70 -9.67 -18.32
C LEU A 81 42.92 -9.34 -17.46
N LYS A 82 43.30 -8.07 -17.45
CA LYS A 82 44.48 -7.62 -16.72
C LYS A 82 44.31 -6.16 -16.30
N GLY A 83 44.68 -5.86 -15.06
CA GLY A 83 44.64 -4.49 -14.55
C GLY A 83 43.38 -4.18 -13.77
N SER A 84 43.03 -2.91 -13.72
CA SER A 84 41.87 -2.43 -12.97
C SER A 84 41.34 -1.13 -13.55
N VAL A 85 40.06 -0.84 -13.26
CA VAL A 85 39.41 0.39 -13.72
C VAL A 85 38.66 1.11 -12.59
N ASN A 86 38.52 2.42 -12.74
CA ASN A 86 37.72 3.21 -11.81
C ASN A 86 36.33 3.50 -12.36
N VAL A 87 35.32 3.32 -11.52
CA VAL A 87 33.96 3.74 -11.81
C VAL A 87 33.80 5.18 -11.33
N VAL A 88 33.65 6.10 -12.27
CA VAL A 88 33.65 7.54 -11.96
C VAL A 88 32.29 8.16 -12.26
N ILE A 89 31.74 8.88 -11.28
CA ILE A 89 30.43 9.53 -11.41
C ILE A 89 30.53 11.02 -11.08
N TYR A 90 29.87 11.84 -11.90
CA TYR A 90 29.86 13.30 -11.72
C TYR A 90 29.33 13.67 -10.33
N GLY A 91 30.12 14.47 -9.62
CA GLY A 91 29.74 14.92 -8.28
C GLY A 91 30.11 13.96 -7.17
N LYS A 92 30.79 12.88 -7.52
CA LYS A 92 31.15 11.82 -6.56
C LYS A 92 32.58 11.32 -6.69
N GLY A 93 33.19 11.54 -7.85
CA GLY A 93 34.53 11.03 -8.13
C GLY A 93 34.53 9.52 -8.32
N VAL A 94 35.63 8.88 -7.93
CA VAL A 94 35.77 7.43 -8.05
C VAL A 94 34.89 6.74 -7.01
N VAL A 95 33.80 6.18 -7.51
CA VAL A 95 32.77 5.55 -6.69
C VAL A 95 33.16 4.13 -6.26
N CYS A 96 33.86 3.41 -7.14
CA CYS A 96 34.42 2.09 -6.82
C CYS A 96 35.41 1.65 -7.91
N THR A 97 36.12 0.56 -7.65
CA THR A 97 37.11 0.05 -8.60
C THR A 97 36.82 -1.41 -8.95
N LEU A 98 36.93 -1.72 -10.23
CA LEU A 98 36.75 -3.08 -10.71
C LEU A 98 38.11 -3.70 -11.04
N HIS A 99 38.25 -4.99 -10.78
CA HIS A 99 39.54 -5.67 -10.92
C HIS A 99 39.48 -6.83 -11.93
N GLU A 100 40.61 -7.51 -12.09
CA GLU A 100 40.73 -8.68 -12.95
C GLU A 100 39.65 -9.72 -12.64
N GLY A 101 38.92 -10.13 -13.68
CA GLY A 101 37.83 -11.10 -13.54
C GLY A 101 36.45 -10.48 -13.47
N ASP A 102 36.37 -9.21 -13.11
CA ASP A 102 35.09 -8.49 -13.04
C ASP A 102 34.59 -8.07 -14.43
N ASP A 103 33.28 -7.92 -14.55
CA ASP A 103 32.67 -7.46 -15.79
C ASP A 103 31.87 -6.17 -15.55
N PHE A 104 31.77 -5.33 -16.59
CA PHE A 104 31.03 -4.08 -16.50
C PHE A 104 30.40 -3.66 -17.82
N GLY A 105 29.38 -2.80 -17.73
CA GLY A 105 28.76 -2.20 -18.90
C GLY A 105 27.49 -2.86 -19.39
N LYS A 106 27.02 -3.89 -18.67
CA LYS A 106 25.83 -4.63 -19.05
C LYS A 106 24.56 -3.79 -19.00
N LEU A 107 24.40 -3.01 -17.93
CA LEU A 107 23.13 -2.32 -17.63
C LEU A 107 22.64 -1.40 -18.74
N ALA A 108 23.48 -0.47 -19.19
CA ALA A 108 23.13 0.47 -20.25
C ALA A 108 22.79 -0.25 -21.55
N LEU A 109 23.55 -1.31 -21.83
CA LEU A 109 23.39 -2.12 -23.02
C LEU A 109 22.00 -2.77 -23.07
N VAL A 110 21.61 -3.42 -21.99
CA VAL A 110 20.36 -4.17 -21.92
C VAL A 110 19.13 -3.27 -21.76
N ASN A 111 19.23 -2.25 -20.92
CA ASN A 111 18.10 -1.35 -20.67
C ASN A 111 17.95 -0.23 -21.69
N ASP A 112 18.87 -0.18 -22.66
CA ASP A 112 18.96 0.92 -23.63
C ASP A 112 18.93 2.29 -22.92
N ALA A 113 19.67 2.37 -21.82
CA ALA A 113 19.75 3.57 -21.00
C ALA A 113 21.15 4.19 -21.11
N PRO A 114 21.30 5.48 -20.74
CA PRO A 114 22.64 6.08 -20.77
C PRO A 114 23.58 5.45 -19.75
N ARG A 115 24.89 5.56 -19.99
CA ARG A 115 25.88 5.11 -19.03
C ARG A 115 25.71 5.88 -17.73
N ALA A 116 25.54 5.17 -16.62
CA ALA A 116 25.37 5.80 -15.31
C ALA A 116 26.70 6.24 -14.70
N ALA A 117 27.80 5.86 -15.34
CA ALA A 117 29.14 6.19 -14.87
C ALA A 117 30.16 6.19 -16.00
N SER A 118 31.32 6.78 -15.74
CA SER A 118 32.47 6.69 -16.61
C SER A 118 33.38 5.55 -16.16
N ILE A 119 34.04 4.91 -17.13
CA ILE A 119 35.05 3.90 -16.82
C ILE A 119 36.43 4.40 -17.26
N VAL A 120 37.31 4.57 -16.28
CA VAL A 120 38.66 5.08 -16.52
C VAL A 120 39.68 4.08 -16.01
N LEU A 121 40.73 3.84 -16.79
CA LEU A 121 41.80 2.92 -16.39
C LEU A 121 42.50 3.40 -15.12
N ARG A 122 42.64 2.49 -14.16
CA ARG A 122 43.28 2.79 -12.89
C ARG A 122 44.81 2.72 -12.99
N GLU A 123 45.30 1.70 -13.68
CA GLU A 123 46.74 1.47 -13.84
C GLU A 123 47.16 1.37 -15.30
N ASP A 124 48.47 1.28 -15.54
CA ASP A 124 49.03 1.11 -16.87
C ASP A 124 48.79 -0.30 -17.42
N ASN A 125 48.65 -0.39 -18.73
CA ASN A 125 48.53 -1.67 -19.45
C ASN A 125 47.37 -2.56 -18.97
N CYS A 126 46.17 -2.26 -19.46
CA CYS A 126 44.98 -3.04 -19.13
C CYS A 126 44.41 -3.76 -20.36
N HIS A 127 44.07 -5.03 -20.18
CA HIS A 127 43.50 -5.84 -21.26
C HIS A 127 42.04 -6.19 -21.00
N PHE A 128 41.24 -6.13 -22.06
CA PHE A 128 39.79 -6.33 -21.95
C PHE A 128 39.25 -7.29 -23.01
N LEU A 129 38.19 -8.01 -22.65
CA LEU A 129 37.36 -8.72 -23.62
C LEU A 129 36.07 -7.94 -23.82
N ARG A 130 35.71 -7.72 -25.08
CA ARG A 130 34.56 -6.89 -25.41
C ARG A 130 33.54 -7.63 -26.28
N VAL A 131 32.27 -7.45 -25.97
CA VAL A 131 31.16 -7.92 -26.80
C VAL A 131 30.28 -6.72 -27.12
N ASP A 132 30.17 -6.38 -28.40
CA ASP A 132 29.37 -5.23 -28.83
C ASP A 132 27.86 -5.54 -28.80
N LYS A 133 27.04 -4.49 -28.92
CA LYS A 133 25.61 -4.56 -28.64
C LYS A 133 24.82 -5.65 -29.37
N GLU A 134 24.83 -5.62 -30.69
CA GLU A 134 24.02 -6.57 -31.48
C GLU A 134 24.44 -8.03 -31.26
N ASP A 135 25.73 -8.23 -30.99
CA ASP A 135 26.28 -9.55 -30.66
C ASP A 135 25.88 -10.00 -29.26
N PHE A 136 25.82 -9.06 -28.32
CA PHE A 136 25.40 -9.34 -26.95
C PHE A 136 23.92 -9.74 -26.91
N ASN A 137 23.10 -9.00 -27.65
CA ASN A 137 21.65 -9.20 -27.62
C ASN A 137 21.15 -10.51 -28.24
N ARG A 138 21.90 -11.06 -29.20
CA ARG A 138 21.50 -12.32 -29.82
C ARG A 138 22.09 -13.55 -29.13
N ILE A 139 23.19 -13.37 -28.40
CA ILE A 139 23.88 -14.48 -27.74
C ILE A 139 23.68 -14.51 -26.22
N LEU A 140 23.82 -13.35 -25.58
CA LEU A 140 23.92 -13.27 -24.12
C LEU A 140 22.72 -12.67 -23.39
N ARG A 141 21.82 -12.02 -24.12
CA ARG A 141 20.71 -11.27 -23.51
C ARG A 141 19.89 -12.07 -22.50
N ASP A 142 19.41 -13.24 -22.91
CA ASP A 142 18.61 -14.10 -22.04
C ASP A 142 19.42 -14.96 -21.08
N VAL A 143 20.61 -15.35 -21.51
CA VAL A 143 21.44 -16.29 -20.76
C VAL A 143 22.28 -15.63 -19.66
N GLU A 144 22.94 -14.52 -19.98
CA GLU A 144 23.75 -13.80 -19.00
C GLU A 144 22.85 -12.96 -18.10
N ALA A 145 22.19 -13.64 -17.16
CA ALA A 145 21.15 -13.02 -16.33
C ALA A 145 21.63 -12.66 -14.93
N ASN A 146 22.93 -12.44 -14.78
CA ASN A 146 23.52 -11.99 -13.51
C ASN A 146 22.84 -10.72 -12.99
N THR A 147 22.61 -10.68 -11.68
CA THR A 147 22.09 -9.50 -11.01
C THR A 147 23.05 -8.33 -11.23
N VAL A 148 22.50 -7.18 -11.59
CA VAL A 148 23.29 -5.96 -11.71
C VAL A 148 23.38 -5.30 -10.34
N ARG A 149 24.60 -5.23 -9.81
CA ARG A 149 24.85 -4.61 -8.52
C ARG A 149 25.78 -3.42 -8.68
N LEU A 150 25.22 -2.22 -8.48
CA LEU A 150 26.01 -1.00 -8.52
C LEU A 150 26.51 -0.69 -7.11
N LYS A 151 27.81 -0.48 -6.98
CA LYS A 151 28.44 -0.38 -5.67
C LYS A 151 29.15 0.94 -5.42
N GLU A 152 29.01 1.44 -4.19
CA GLU A 152 29.72 2.62 -3.72
C GLU A 152 30.24 2.36 -2.30
N HIS A 153 31.55 2.58 -2.11
CA HIS A 153 32.23 2.36 -0.83
C HIS A 153 32.18 0.91 -0.36
N ASP A 154 32.37 -0.01 -1.31
CA ASP A 154 32.29 -1.46 -1.09
C ASP A 154 30.95 -1.94 -0.50
N GLN A 155 29.88 -1.23 -0.87
CA GLN A 155 28.52 -1.59 -0.46
C GLN A 155 27.55 -1.46 -1.63
N ASP A 156 26.58 -2.36 -1.70
CA ASP A 156 25.50 -2.28 -2.69
C ASP A 156 24.71 -0.98 -2.50
N VAL A 157 24.43 -0.33 -3.62
CA VAL A 157 23.77 0.96 -3.62
C VAL A 157 22.55 0.96 -4.55
N LEU A 158 22.54 0.00 -5.48
CA LEU A 158 21.40 -0.26 -6.37
C LEU A 158 21.47 -1.68 -6.92
N VAL A 159 20.34 -2.38 -6.87
CA VAL A 159 20.24 -3.78 -7.28
C VAL A 159 19.13 -3.95 -8.31
N LEU A 160 19.48 -4.44 -9.50
CA LEU A 160 18.53 -4.58 -10.59
C LEU A 160 18.51 -5.99 -11.18
N GLU A 161 17.31 -6.46 -11.54
CA GLU A 161 17.12 -7.82 -12.05
C GLU A 161 16.08 -7.90 -13.16
N LYS A 162 16.18 -8.95 -13.98
CA LYS A 162 15.16 -9.25 -14.98
C LYS A 162 13.92 -9.84 -14.31
N VAL A 163 12.81 -9.11 -14.39
CA VAL A 163 11.54 -9.54 -13.79
C VAL A 163 10.55 -10.00 -14.85
N GLN A 179 12.99 -7.42 -22.43
CA GLN A 179 12.90 -7.54 -20.98
C GLN A 179 14.06 -6.80 -20.31
N LYS A 180 13.73 -5.77 -19.52
CA LYS A 180 14.73 -4.90 -18.92
C LYS A 180 15.03 -5.27 -17.46
N TYR A 181 16.20 -4.83 -16.99
CA TYR A 181 16.55 -4.93 -15.57
C TYR A 181 15.84 -3.81 -14.82
N THR A 182 14.97 -4.19 -13.88
CA THR A 182 14.26 -3.22 -13.03
C THR A 182 14.86 -3.16 -11.64
N VAL A 183 14.70 -2.01 -10.99
CA VAL A 183 15.21 -1.77 -9.64
C VAL A 183 14.50 -2.66 -8.62
N MET A 184 15.29 -3.42 -7.87
CA MET A 184 14.77 -4.28 -6.81
C MET A 184 14.99 -3.64 -5.44
N SER A 185 16.17 -3.07 -5.25
CA SER A 185 16.54 -2.38 -4.01
C SER A 185 17.60 -1.31 -4.27
N GLY A 186 17.82 -0.45 -3.27
CA GLY A 186 18.84 0.58 -3.36
C GLY A 186 18.70 1.66 -2.32
N THR A 187 19.67 2.56 -2.27
CA THR A 187 19.58 3.73 -1.39
C THR A 187 18.66 4.76 -2.03
N PRO A 188 17.99 5.59 -1.20
CA PRO A 188 17.15 6.67 -1.73
C PRO A 188 17.88 7.55 -2.76
N GLU A 189 19.13 7.92 -2.48
CA GLU A 189 19.91 8.78 -3.39
C GLU A 189 20.14 8.12 -4.75
N LYS A 190 20.53 6.85 -4.74
CA LYS A 190 20.81 6.14 -5.99
C LYS A 190 19.55 5.86 -6.79
N ILE A 191 18.47 5.50 -6.10
CA ILE A 191 17.17 5.28 -6.74
C ILE A 191 16.73 6.56 -7.48
N LEU A 192 16.84 7.70 -6.79
CA LEU A 192 16.57 9.00 -7.41
C LEU A 192 17.47 9.26 -8.62
N GLU A 193 18.77 9.01 -8.46
CA GLU A 193 19.73 9.17 -9.56
C GLU A 193 19.38 8.32 -10.76
N HIS A 194 19.01 7.07 -10.50
CA HIS A 194 18.61 6.13 -11.54
C HIS A 194 17.40 6.63 -12.33
N PHE A 195 16.34 7.03 -11.62
CA PHE A 195 15.11 7.47 -12.28
C PHE A 195 15.24 8.82 -12.97
N LEU A 196 16.14 9.66 -12.48
CA LEU A 196 16.46 10.92 -13.16
C LEU A 196 17.14 10.70 -14.50
N GLU A 197 18.20 9.89 -14.50
CA GLU A 197 19.02 9.63 -15.69
C GLU A 197 18.28 8.94 -16.82
N THR A 198 17.27 8.13 -16.48
CA THR A 198 16.56 7.31 -17.46
C THR A 198 15.35 8.01 -18.08
N ILE A 199 15.09 9.25 -17.64
CA ILE A 199 14.02 10.06 -18.23
C ILE A 199 14.29 10.31 -19.72
N ARG A 200 13.32 9.95 -20.55
CA ARG A 200 13.39 10.23 -21.98
C ARG A 200 12.50 11.42 -22.29
N LEU A 201 13.10 12.48 -22.83
CA LEU A 201 12.43 13.77 -22.99
C LEU A 201 11.62 13.92 -24.28
N GLU A 202 11.82 12.98 -25.21
CA GLU A 202 11.12 12.96 -26.49
C GLU A 202 9.59 12.94 -26.29
N PRO A 203 8.88 13.87 -26.96
CA PRO A 203 7.42 14.06 -26.78
C PRO A 203 6.59 12.81 -27.05
N SER A 204 7.05 11.96 -27.97
CA SER A 204 6.36 10.72 -28.29
C SER A 204 6.40 9.69 -27.15
N LEU A 205 7.21 9.98 -26.13
CA LEU A 205 7.35 9.09 -24.96
C LEU A 205 6.88 9.76 -23.66
N ASN A 206 6.03 10.77 -23.78
CA ASN A 206 5.48 11.49 -22.62
C ASN A 206 4.80 10.57 -21.60
N GLU A 207 3.98 9.65 -22.10
CA GLU A 207 3.22 8.72 -21.25
C GLU A 207 4.14 7.65 -20.64
N ALA A 208 5.05 7.13 -21.45
CA ALA A 208 6.00 6.10 -21.02
C ALA A 208 6.97 6.60 -19.95
N THR A 209 7.41 7.85 -20.09
CA THR A 209 8.30 8.49 -19.12
C THR A 209 7.61 8.68 -17.77
N ASP A 210 6.39 9.21 -17.81
CA ASP A 210 5.59 9.45 -16.60
C ASP A 210 5.27 8.16 -15.84
N SER A 211 5.04 7.08 -16.58
CA SER A 211 4.73 5.77 -15.99
C SER A 211 5.91 5.18 -15.22
N VAL A 212 7.11 5.30 -15.80
CA VAL A 212 8.34 4.85 -15.15
C VAL A 212 8.60 5.64 -13.86
N LEU A 213 8.38 6.95 -13.92
CA LEU A 213 8.63 7.84 -12.78
C LEU A 213 7.60 7.69 -11.66
N ASN A 214 6.42 7.19 -12.00
CA ASN A 214 5.27 7.19 -11.09
C ASN A 214 5.48 6.50 -9.74
N ASP A 215 6.20 5.38 -9.75
CA ASP A 215 6.48 4.63 -8.52
C ASP A 215 7.26 5.47 -7.51
N PHE A 216 8.38 6.05 -7.96
CA PHE A 216 9.21 6.91 -7.11
C PHE A 216 8.41 8.14 -6.66
N VAL A 217 7.77 8.80 -7.63
CA VAL A 217 7.00 10.01 -7.39
C VAL A 217 5.94 9.81 -6.30
N MET A 218 5.28 8.66 -6.32
CA MET A 218 4.25 8.33 -5.33
C MET A 218 4.82 7.84 -4.00
N MET A 219 5.78 6.91 -4.07
CA MET A 219 6.26 6.19 -2.89
C MET A 219 7.42 6.83 -2.13
N HIS A 220 7.96 7.93 -2.64
CA HIS A 220 9.15 8.57 -2.04
C HIS A 220 8.91 9.01 -0.58
N CYS A 221 7.67 9.33 -0.25
CA CYS A 221 7.33 9.76 1.12
C CYS A 221 7.64 8.71 2.18
N VAL A 222 7.76 7.45 1.75
CA VAL A 222 8.10 6.35 2.65
C VAL A 222 9.60 6.30 2.94
N PHE A 223 10.41 6.46 1.89
CA PHE A 223 11.86 6.25 1.99
C PHE A 223 12.73 7.50 1.78
N MET A 224 12.14 8.55 1.20
CA MET A 224 12.87 9.80 0.95
C MET A 224 11.94 11.01 1.05
N PRO A 225 11.61 11.43 2.28
CA PRO A 225 10.67 12.54 2.46
C PRO A 225 11.18 13.86 1.84
N ASN A 226 10.26 14.79 1.59
CA ASN A 226 10.59 16.07 0.96
C ASN A 226 11.78 16.80 1.57
N THR A 227 11.93 16.70 2.89
CA THR A 227 13.06 17.32 3.60
C THR A 227 14.40 16.86 3.03
N GLN A 228 14.42 15.66 2.46
CA GLN A 228 15.63 15.09 1.85
C GLN A 228 15.61 15.25 0.33
N LEU A 229 14.44 15.01 -0.26
CA LEU A 229 14.29 15.02 -1.72
C LEU A 229 14.51 16.39 -2.34
N CYS A 230 13.93 17.42 -1.73
CA CYS A 230 14.02 18.77 -2.27
C CYS A 230 15.47 19.30 -2.37
N PRO A 231 16.27 19.14 -1.28
CA PRO A 231 17.69 19.49 -1.39
C PRO A 231 18.44 18.64 -2.43
N ALA A 232 18.04 17.38 -2.59
CA ALA A 232 18.66 16.50 -3.58
C ALA A 232 18.31 16.95 -5.00
N LEU A 233 17.09 17.42 -5.19
CA LEU A 233 16.66 17.94 -6.49
C LEU A 233 17.42 19.20 -6.91
N VAL A 234 17.59 20.13 -5.96
CA VAL A 234 18.35 21.36 -6.20
C VAL A 234 19.79 21.03 -6.59
N ALA A 235 20.44 20.17 -5.80
CA ALA A 235 21.80 19.72 -6.07
C ALA A 235 21.93 19.07 -7.45
N HIS A 236 20.97 18.23 -7.81
CA HIS A 236 20.96 17.58 -9.13
C HIS A 236 20.75 18.59 -10.26
N TYR A 237 19.90 19.59 -10.02
CA TYR A 237 19.66 20.64 -10.99
C TYR A 237 20.93 21.45 -11.31
N HIS A 238 21.77 21.65 -10.31
CA HIS A 238 23.00 22.42 -10.47
C HIS A 238 24.24 21.57 -10.70
N ALA A 239 24.06 20.28 -10.94
CA ALA A 239 25.18 19.37 -11.19
C ALA A 239 25.83 19.65 -12.55
N GLN A 240 27.16 19.64 -12.55
CA GLN A 240 27.92 19.87 -13.79
C GLN A 240 28.83 18.67 -14.09
N PRO A 241 28.95 18.31 -15.38
CA PRO A 241 29.82 17.20 -15.77
C PRO A 241 31.30 17.54 -15.57
N SER A 242 32.09 16.51 -15.28
CA SER A 242 33.52 16.68 -15.00
C SER A 242 34.41 16.18 -16.15
N GLN A 243 33.81 16.06 -17.34
CA GLN A 243 34.48 15.51 -18.51
C GLN A 243 33.80 16.02 -19.78
N GLY A 244 34.61 16.23 -20.82
CA GLY A 244 34.09 16.54 -22.16
C GLY A 244 34.45 17.92 -22.66
N THR A 245 34.25 18.13 -23.96
CA THR A 245 34.46 19.44 -24.59
C THR A 245 33.44 20.44 -24.06
N GLU A 246 33.70 21.73 -24.28
CA GLU A 246 32.78 22.77 -23.82
C GLU A 246 31.34 22.46 -24.21
N GLN A 247 31.10 22.27 -25.51
CA GLN A 247 29.76 21.96 -26.03
C GLN A 247 29.15 20.70 -25.43
N GLU A 248 29.93 19.62 -25.37
CA GLU A 248 29.49 18.36 -24.77
C GLU A 248 29.03 18.55 -23.32
N ARG A 249 29.83 19.29 -22.54
CA ARG A 249 29.50 19.60 -21.15
C ARG A 249 28.26 20.49 -21.05
N MET A 250 28.15 21.45 -21.96
CA MET A 250 27.00 22.36 -22.02
C MET A 250 25.70 21.61 -22.29
N ASP A 251 25.78 20.65 -23.22
CA ASP A 251 24.61 19.87 -23.64
C ASP A 251 24.12 18.90 -22.55
N TYR A 252 25.07 18.26 -21.88
CA TYR A 252 24.74 17.31 -20.82
C TYR A 252 24.04 18.01 -19.65
N ALA A 253 24.62 19.13 -19.22
CA ALA A 253 24.07 19.92 -18.12
C ALA A 253 22.68 20.47 -18.42
N LEU A 254 22.47 20.88 -19.68
CA LEU A 254 21.17 21.39 -20.12
C LEU A 254 20.11 20.29 -20.08
N ASN A 255 20.44 19.12 -20.62
CA ASN A 255 19.54 17.98 -20.61
C ASN A 255 19.30 17.42 -19.20
N ASN A 256 20.34 17.47 -18.37
CA ASN A 256 20.22 17.14 -16.95
C ASN A 256 19.18 18.04 -16.27
N LYS A 257 19.26 19.34 -16.55
CA LYS A 257 18.29 20.31 -16.05
C LYS A 257 16.87 20.02 -16.56
N ARG A 258 16.77 19.65 -17.84
CA ARG A 258 15.49 19.30 -18.44
C ARG A 258 14.86 18.08 -17.75
N ARG A 259 15.70 17.12 -17.39
CA ARG A 259 15.26 15.93 -16.67
C ARG A 259 14.76 16.22 -15.27
N VAL A 260 15.50 17.06 -14.52
CA VAL A 260 15.11 17.45 -13.18
C VAL A 260 13.74 18.17 -13.19
N ILE A 261 13.58 19.11 -14.11
CA ILE A 261 12.32 19.84 -14.30
C ILE A 261 11.16 18.86 -14.54
N ARG A 262 11.40 17.88 -15.40
CA ARG A 262 10.41 16.84 -15.72
C ARG A 262 9.98 16.07 -14.47
N LEU A 263 10.95 15.67 -13.65
CA LEU A 263 10.67 14.97 -12.40
C LEU A 263 9.91 15.86 -11.42
N VAL A 264 10.32 17.11 -11.32
CA VAL A 264 9.66 18.08 -10.45
C VAL A 264 8.20 18.28 -10.87
N LEU A 265 7.95 18.28 -12.17
CA LEU A 265 6.58 18.39 -12.71
C LEU A 265 5.71 17.19 -12.33
N GLN A 266 6.27 15.99 -12.43
CA GLN A 266 5.59 14.76 -12.02
C GLN A 266 5.37 14.73 -10.50
N TRP A 267 6.36 15.20 -9.76
CA TRP A 267 6.31 15.30 -8.31
C TRP A 267 5.22 16.27 -7.85
N ALA A 268 5.16 17.44 -8.48
CA ALA A 268 4.17 18.46 -8.15
C ALA A 268 2.73 18.05 -8.53
N ALA A 269 2.60 17.29 -9.62
CA ALA A 269 1.30 16.82 -10.09
C ALA A 269 0.71 15.76 -9.15
N MET A 270 1.57 14.90 -8.62
CA MET A 270 1.17 13.86 -7.66
C MET A 270 0.57 14.45 -6.39
N TYR A 271 1.18 15.52 -5.90
CA TYR A 271 0.70 16.20 -4.69
C TYR A 271 -0.56 17.02 -4.94
N GLY A 272 -0.61 17.69 -6.10
CA GLY A 272 -1.73 18.58 -6.43
C GLY A 272 -1.88 19.68 -5.40
N ASP A 273 -3.04 19.72 -4.74
CA ASP A 273 -3.32 20.71 -3.70
C ASP A 273 -2.66 20.41 -2.35
N LEU A 274 -2.12 19.19 -2.20
CA LEU A 274 -1.47 18.77 -0.95
C LEU A 274 -0.12 19.42 -0.69
N LEU A 275 0.39 20.17 -1.67
CA LEU A 275 1.64 20.93 -1.50
C LEU A 275 1.53 21.99 -0.42
N GLN A 276 0.34 22.59 -0.30
CA GLN A 276 0.04 23.62 0.69
C GLN A 276 0.28 23.16 2.14
N GLU A 277 0.21 21.86 2.34
CA GLU A 277 0.45 21.26 3.66
C GLU A 277 1.94 21.17 3.99
N ASP A 278 2.79 21.37 2.98
CA ASP A 278 4.22 21.22 3.13
C ASP A 278 4.96 22.53 2.85
N ASP A 279 5.49 23.15 3.91
CA ASP A 279 6.21 24.43 3.81
C ASP A 279 7.53 24.28 3.08
N VAL A 280 8.24 23.18 3.36
CA VAL A 280 9.52 22.86 2.73
C VAL A 280 9.35 22.68 1.22
N ALA A 281 8.31 21.93 0.82
CA ALA A 281 8.03 21.66 -0.58
C ALA A 281 7.57 22.89 -1.36
N MET A 282 6.77 23.74 -0.72
CA MET A 282 6.31 24.99 -1.30
C MET A 282 7.49 25.96 -1.52
N ALA A 283 8.34 26.07 -0.51
CA ALA A 283 9.54 26.90 -0.57
C ALA A 283 10.48 26.41 -1.67
N PHE A 284 10.66 25.10 -1.77
CA PHE A 284 11.48 24.50 -2.82
C PHE A 284 10.95 24.82 -4.22
N LEU A 285 9.64 24.65 -4.41
CA LEU A 285 9.01 24.82 -5.72
C LEU A 285 9.05 26.28 -6.17
N GLU A 286 8.76 27.20 -5.24
CA GLU A 286 8.81 28.63 -5.50
C GLU A 286 10.21 29.10 -5.91
N GLU A 287 11.22 28.59 -5.21
CA GLU A 287 12.61 28.90 -5.51
C GLU A 287 13.07 28.19 -6.79
N PHE A 288 12.58 26.97 -7.01
CA PHE A 288 12.89 26.20 -8.20
C PHE A 288 12.38 26.90 -9.46
N TYR A 289 11.18 27.47 -9.37
CA TYR A 289 10.60 28.22 -10.48
C TYR A 289 11.44 29.45 -10.81
N VAL A 290 11.89 30.16 -9.78
CA VAL A 290 12.78 31.30 -9.94
C VAL A 290 14.07 30.88 -10.65
N SER A 291 14.68 29.78 -10.19
CA SER A 291 15.89 29.23 -10.81
C SER A 291 15.69 28.93 -12.29
N VAL A 292 14.63 28.18 -12.60
CA VAL A 292 14.34 27.75 -13.97
C VAL A 292 14.02 28.92 -14.89
N SER A 293 13.22 29.88 -14.40
CA SER A 293 12.87 31.06 -15.19
C SER A 293 14.09 31.94 -15.47
N ASP A 294 14.94 32.14 -14.47
CA ASP A 294 16.20 32.87 -14.64
C ASP A 294 17.11 32.19 -15.66
N ASP A 295 17.25 30.86 -15.53
CA ASP A 295 18.08 30.07 -16.45
C ASP A 295 17.50 30.05 -17.86
N ALA A 296 16.17 30.01 -17.96
CA ALA A 296 15.48 29.98 -19.25
C ALA A 296 15.74 31.23 -20.07
N ARG A 297 15.68 32.39 -19.43
CA ARG A 297 15.86 33.68 -20.10
C ARG A 297 17.33 33.96 -20.42
N MET A 298 18.21 33.31 -19.67
CA MET A 298 19.65 33.51 -19.81
C MET A 298 20.27 32.54 -20.83
N MET A 299 19.68 31.36 -20.97
CA MET A 299 20.22 30.32 -21.84
C MET A 299 19.34 30.03 -23.07
N ALA A 300 18.19 30.72 -23.14
CA ALA A 300 17.18 30.50 -24.19
C ALA A 300 16.73 29.05 -24.27
N ALA A 301 16.31 28.51 -23.13
CA ALA A 301 15.93 27.11 -23.01
C ALA A 301 14.65 26.92 -22.20
N PHE A 302 14.20 25.67 -22.08
CA PHE A 302 13.00 25.27 -21.32
C PHE A 302 11.72 25.93 -21.84
N LYS A 303 11.64 26.12 -23.15
CA LYS A 303 10.51 26.85 -23.76
C LYS A 303 9.16 26.15 -23.61
N GLU A 304 9.19 24.81 -23.55
CA GLU A 304 7.97 24.04 -23.35
C GLU A 304 7.66 23.85 -21.86
N GLN A 305 8.71 23.65 -21.06
CA GLN A 305 8.56 23.27 -19.66
C GLN A 305 8.31 24.43 -18.69
N LEU A 306 8.81 25.61 -19.03
CA LEU A 306 8.65 26.80 -18.18
C LEU A 306 7.19 27.23 -17.99
N PRO A 307 6.39 27.27 -19.08
CA PRO A 307 4.97 27.61 -18.90
C PRO A 307 4.20 26.56 -18.09
N GLU A 308 4.58 25.29 -18.24
CA GLU A 308 3.99 24.19 -17.47
C GLU A 308 4.27 24.35 -15.98
N LEU A 309 5.49 24.81 -15.66
CA LEU A 309 5.91 25.04 -14.28
C LEU A 309 5.27 26.30 -13.69
N GLU A 310 4.89 27.24 -14.56
CA GLU A 310 4.26 28.50 -14.14
C GLU A 310 2.84 28.29 -13.59
N LYS A 311 2.09 27.38 -14.22
CA LYS A 311 0.72 27.04 -13.81
C LYS A 311 0.60 26.72 -12.32
N ILE A 312 1.50 25.88 -11.83
CA ILE A 312 1.44 25.37 -10.45
C ILE A 312 1.69 26.44 -9.40
N VAL A 313 2.63 27.34 -9.67
CA VAL A 313 2.96 28.43 -8.74
C VAL A 313 1.85 29.50 -8.73
N ARG A 344 -19.00 18.25 -1.83
CA ARG A 344 -17.94 18.01 -0.86
C ARG A 344 -16.56 18.36 -1.42
N GLN A 345 -15.85 19.24 -0.72
CA GLN A 345 -14.46 19.55 -1.02
C GLN A 345 -13.54 18.77 -0.09
N PRO A 346 -12.35 18.35 -0.58
CA PRO A 346 -11.41 17.59 0.25
C PRO A 346 -11.01 18.32 1.52
N ILE A 347 -11.02 17.60 2.64
CA ILE A 347 -10.55 18.13 3.91
C ILE A 347 -9.03 18.18 3.90
N ARG A 348 -8.47 19.32 4.32
CA ARG A 348 -7.03 19.49 4.40
C ARG A 348 -6.59 19.36 5.86
N GLY A 349 -5.34 18.96 6.05
CA GLY A 349 -4.75 18.81 7.38
C GLY A 349 -4.61 20.13 8.13
N SER A 350 -4.47 21.23 7.38
CA SER A 350 -4.33 22.57 7.94
C SER A 350 -5.67 23.25 8.23
N ASP A 351 -6.76 22.67 7.71
CA ASP A 351 -8.10 23.13 8.03
C ASP A 351 -8.36 22.99 9.53
N GLU A 352 -9.11 23.93 10.09
CA GLU A 352 -9.40 23.90 11.52
C GLU A 352 -10.79 23.35 11.80
N VAL A 353 -10.91 22.62 12.91
CA VAL A 353 -12.20 22.06 13.33
C VAL A 353 -12.59 22.49 14.73
N LEU A 354 -13.88 22.75 14.92
CA LEU A 354 -14.45 22.92 16.25
C LEU A 354 -14.89 21.55 16.72
N PHE A 355 -14.11 20.96 17.63
CA PHE A 355 -14.38 19.61 18.09
C PHE A 355 -14.66 19.55 19.58
N LYS A 356 -15.69 18.79 19.94
CA LYS A 356 -16.11 18.62 21.32
C LYS A 356 -15.39 17.46 21.98
N VAL A 357 -14.74 17.75 23.10
CA VAL A 357 -14.04 16.73 23.88
C VAL A 357 -14.71 16.63 25.24
N TYR A 358 -15.19 15.43 25.58
CA TYR A 358 -16.08 15.26 26.73
C TYR A 358 -15.38 14.95 28.04
N CYS A 359 -15.95 15.50 29.12
CA CYS A 359 -15.57 15.18 30.47
C CYS A 359 -16.40 13.97 30.94
N ILE A 360 -15.98 13.37 32.05
CA ILE A 360 -16.68 12.21 32.63
C ILE A 360 -18.15 12.49 32.96
N ASP A 361 -18.44 13.70 33.47
CA ASP A 361 -19.81 14.10 33.83
C ASP A 361 -20.64 14.53 32.61
N HIS A 362 -20.09 14.25 31.42
CA HIS A 362 -20.74 14.50 30.13
C HIS A 362 -20.85 15.96 29.69
N THR A 363 -20.20 16.86 30.42
CA THR A 363 -19.94 18.20 29.92
C THR A 363 -18.81 18.10 28.90
N TYR A 364 -18.69 19.10 28.03
CA TYR A 364 -17.66 19.06 27.01
C TYR A 364 -16.91 20.37 26.85
N THR A 365 -15.65 20.25 26.41
CA THR A 365 -14.84 21.39 26.02
C THR A 365 -14.79 21.44 24.49
N THR A 366 -15.05 22.61 23.92
CA THR A 366 -14.92 22.81 22.49
C THR A 366 -13.53 23.35 22.16
N ILE A 367 -12.77 22.58 21.40
CA ILE A 367 -11.43 22.98 20.98
C ILE A 367 -11.38 23.36 19.50
N ARG A 368 -10.48 24.28 19.18
CA ARG A 368 -10.30 24.73 17.80
C ARG A 368 -8.85 24.47 17.40
N VAL A 369 -8.65 23.39 16.65
CA VAL A 369 -7.33 22.89 16.28
C VAL A 369 -7.32 22.42 14.82
N PRO A 370 -6.11 22.30 14.21
CA PRO A 370 -6.03 21.75 12.85
C PRO A 370 -6.51 20.30 12.80
N VAL A 371 -7.03 19.89 11.65
CA VAL A 371 -7.47 18.51 11.44
C VAL A 371 -6.33 17.52 11.71
N ALA A 372 -5.12 17.88 11.28
CA ALA A 372 -3.95 17.01 11.42
C ALA A 372 -3.28 17.07 12.79
N ALA A 373 -3.92 17.73 13.75
CA ALA A 373 -3.36 17.87 15.11
C ALA A 373 -3.13 16.52 15.77
N SER A 374 -2.02 16.42 16.52
CA SER A 374 -1.70 15.22 17.27
C SER A 374 -2.52 15.15 18.56
N VAL A 375 -2.55 13.97 19.18
CA VAL A 375 -3.25 13.79 20.46
C VAL A 375 -2.70 14.70 21.55
N LYS A 376 -1.36 14.82 21.60
CA LYS A 376 -0.70 15.75 22.51
C LYS A 376 -1.19 17.18 22.32
N GLU A 377 -1.31 17.61 21.06
CA GLU A 377 -1.84 18.93 20.72
C GLU A 377 -3.30 19.10 21.13
N VAL A 378 -4.07 18.01 21.07
CA VAL A 378 -5.45 17.99 21.53
C VAL A 378 -5.52 18.12 23.06
N ILE A 379 -4.71 17.32 23.75
CA ILE A 379 -4.60 17.37 25.21
C ILE A 379 -4.27 18.79 25.67
N SER A 380 -3.27 19.39 25.02
CA SER A 380 -2.83 20.74 25.29
C SER A 380 -3.97 21.77 25.14
N ALA A 381 -4.73 21.64 24.05
CA ALA A 381 -5.84 22.55 23.76
C ALA A 381 -6.98 22.41 24.77
N VAL A 382 -7.23 21.17 25.21
CA VAL A 382 -8.25 20.89 26.23
C VAL A 382 -7.81 21.49 27.57
N ALA A 383 -6.55 21.27 27.94
CA ALA A 383 -5.98 21.76 29.20
C ALA A 383 -5.96 23.29 29.30
N ASP A 384 -5.85 23.95 28.16
CA ASP A 384 -5.90 25.41 28.10
C ASP A 384 -7.25 25.96 28.56
N LYS A 385 -8.33 25.42 28.01
CA LYS A 385 -9.68 25.91 28.31
C LYS A 385 -10.22 25.46 29.67
N LEU A 386 -9.78 24.30 30.15
CA LEU A 386 -10.17 23.80 31.46
C LEU A 386 -9.27 24.34 32.58
N GLY A 387 -8.15 24.94 32.17
CA GLY A 387 -7.19 25.53 33.11
C GLY A 387 -6.55 24.53 34.04
N SER A 388 -6.20 23.36 33.49
CA SER A 388 -5.66 22.27 34.28
C SER A 388 -4.24 21.88 33.87
N GLY A 389 -3.51 21.27 34.82
CA GLY A 389 -2.20 20.69 34.56
C GLY A 389 -2.08 19.39 35.32
N GLU A 390 -3.07 18.51 35.15
CA GLU A 390 -3.18 17.27 35.92
C GLU A 390 -3.45 16.06 35.03
N GLY A 391 -2.39 15.57 34.38
CA GLY A 391 -2.38 14.33 33.60
C GLY A 391 -3.67 13.86 32.94
N LEU A 392 -3.95 14.37 31.76
CA LEU A 392 -5.11 13.95 30.97
C LEU A 392 -4.73 12.96 29.89
N ILE A 393 -5.60 11.98 29.67
CA ILE A 393 -5.47 11.08 28.51
C ILE A 393 -6.69 11.20 27.61
N ILE A 394 -6.50 10.95 26.32
CA ILE A 394 -7.59 10.97 25.35
C ILE A 394 -8.06 9.53 25.06
N VAL A 395 -9.37 9.32 25.17
CA VAL A 395 -9.96 8.01 24.97
C VAL A 395 -11.18 8.07 24.05
N LYS A 396 -11.20 7.19 23.05
CA LYS A 396 -12.37 7.00 22.18
C LYS A 396 -13.36 6.09 22.88
N MET A 397 -14.65 6.41 22.76
CA MET A 397 -15.70 5.56 23.31
C MET A 397 -16.80 5.25 22.29
N ASN A 398 -17.04 3.95 22.10
CA ASN A 398 -18.16 3.45 21.30
C ASN A 398 -19.51 3.74 21.94
N SER A 399 -20.57 3.66 21.14
CA SER A 399 -21.93 3.68 21.65
C SER A 399 -22.19 2.51 22.58
N GLY A 400 -21.43 1.43 22.40
CA GLY A 400 -21.52 0.24 23.25
C GLY A 400 -20.61 0.27 24.48
N GLY A 401 -19.98 1.41 24.75
CA GLY A 401 -19.13 1.58 25.93
C GLY A 401 -17.70 1.09 25.79
N GLU A 402 -17.36 0.59 24.60
CA GLU A 402 -16.01 0.09 24.32
C GLU A 402 -15.02 1.26 24.19
N LYS A 403 -13.93 1.18 24.95
CA LYS A 403 -13.01 2.29 25.12
C LYS A 403 -11.58 1.99 24.66
N VAL A 404 -10.97 2.95 23.95
CA VAL A 404 -9.59 2.84 23.51
C VAL A 404 -8.80 4.10 23.90
N VAL A 405 -7.71 3.90 24.63
CA VAL A 405 -6.79 4.98 24.98
C VAL A 405 -5.95 5.35 23.76
N LEU A 406 -5.99 6.63 23.39
CA LEU A 406 -5.19 7.10 22.25
C LEU A 406 -3.80 7.50 22.68
N LYS A 407 -2.81 7.14 21.87
CA LYS A 407 -1.42 7.45 22.17
C LYS A 407 -1.08 8.88 21.78
N SER A 408 -0.24 9.52 22.59
CA SER A 408 0.22 10.89 22.38
C SER A 408 0.72 11.12 20.96
N ASN A 409 1.23 10.05 20.37
CA ASN A 409 1.82 10.04 19.03
C ASN A 409 0.80 10.19 17.89
N ASP A 410 -0.42 9.70 18.12
CA ASP A 410 -1.47 9.63 17.09
C ASP A 410 -1.86 11.00 16.54
N VAL A 411 -2.02 11.08 15.22
CA VAL A 411 -2.43 12.33 14.57
C VAL A 411 -3.77 12.19 13.84
N SER A 412 -4.50 13.30 13.76
CA SER A 412 -5.77 13.37 13.03
C SER A 412 -6.75 12.26 13.41
N VAL A 413 -7.09 12.18 14.70
CA VAL A 413 -7.94 11.11 15.22
C VAL A 413 -9.44 11.37 15.09
N PHE A 414 -9.81 12.63 14.86
CA PHE A 414 -11.23 13.06 14.83
C PHE A 414 -12.10 12.24 13.90
N THR A 415 -11.53 11.83 12.77
CA THR A 415 -12.26 11.12 11.74
C THR A 415 -12.12 9.60 11.83
N THR A 416 -11.37 9.13 12.83
CA THR A 416 -11.17 7.68 13.03
C THR A 416 -12.17 7.08 14.02
N LEU A 417 -13.03 7.93 14.58
CA LEU A 417 -14.09 7.50 15.47
C LEU A 417 -15.11 6.65 14.71
N THR A 418 -15.76 5.73 15.44
CA THR A 418 -16.91 5.01 14.91
C THR A 418 -18.06 5.99 14.67
N ILE A 419 -19.04 5.57 13.87
CA ILE A 419 -20.18 6.42 13.49
C ILE A 419 -20.71 7.26 14.66
N ASN A 420 -20.94 6.60 15.79
CA ASN A 420 -21.47 7.27 16.97
C ASN A 420 -20.46 7.41 18.10
N GLY A 421 -19.18 7.29 17.76
CA GLY A 421 -18.11 7.41 18.74
C GLY A 421 -17.94 8.83 19.22
N ARG A 422 -17.38 8.98 20.43
CA ARG A 422 -17.07 10.29 21.00
C ARG A 422 -15.67 10.30 21.62
N LEU A 423 -15.10 11.50 21.74
CA LEU A 423 -13.76 11.67 22.30
C LEU A 423 -13.84 12.16 23.73
N PHE A 424 -13.10 11.51 24.62
CA PHE A 424 -13.07 11.90 26.04
C PHE A 424 -11.68 12.31 26.50
N ALA A 425 -11.64 13.20 27.50
CA ALA A 425 -10.40 13.59 28.17
C ALA A 425 -10.57 13.42 29.67
N CYS A 426 -9.73 12.57 30.26
CA CYS A 426 -9.85 12.22 31.67
C CYS A 426 -8.50 11.78 32.25
N PRO A 427 -8.31 11.94 33.58
CA PRO A 427 -7.16 11.28 34.21
C PRO A 427 -7.34 9.76 34.17
N ARG A 428 -6.22 9.03 34.16
CA ARG A 428 -6.22 7.56 33.99
C ARG A 428 -7.13 6.80 34.95
N GLU A 429 -7.29 7.34 36.17
CA GLU A 429 -8.12 6.74 37.21
C GLU A 429 -9.60 6.66 36.82
N GLN A 430 -10.01 7.49 35.86
CA GLN A 430 -11.41 7.59 35.46
C GLN A 430 -11.78 6.65 34.32
N PHE A 431 -10.76 6.13 33.63
CA PHE A 431 -10.95 5.29 32.43
C PHE A 431 -12.08 4.27 32.53
N ASP A 432 -12.07 3.47 33.61
CA ASP A 432 -13.02 2.37 33.76
C ASP A 432 -14.44 2.83 34.12
N SER A 433 -14.56 4.07 34.60
CA SER A 433 -15.83 4.61 35.06
C SER A 433 -16.59 5.38 33.98
N LEU A 434 -15.95 5.62 32.85
CA LEU A 434 -16.58 6.32 31.72
C LEU A 434 -17.80 5.56 31.21
N THR A 435 -18.81 6.31 30.79
CA THR A 435 -20.04 5.73 30.28
C THR A 435 -20.57 6.55 29.09
N PRO A 436 -21.20 5.88 28.10
CA PRO A 436 -21.63 6.55 26.87
C PRO A 436 -22.69 7.65 27.07
N LEU A 437 -22.71 8.60 26.14
CA LEU A 437 -23.70 9.67 26.08
C LEU A 437 -24.99 9.17 25.41
N PRO A 438 -26.15 9.71 25.81
CA PRO A 438 -27.43 9.40 25.15
C PRO A 438 -27.41 9.64 23.64
N GLU A 439 -26.75 10.72 23.22
CA GLU A 439 -26.66 11.08 21.80
C GLU A 439 -25.95 10.00 20.94
N GLN A 440 -25.21 9.12 21.60
CA GLN A 440 -24.47 8.05 20.92
C GLN A 440 -25.34 6.83 20.59
N GLU A 441 -26.48 6.70 21.25
CA GLU A 441 -27.27 5.47 21.16
C GLU A 441 -28.20 5.36 19.95
N GLY A 442 -28.28 6.42 19.16
CA GLY A 442 -29.03 6.39 17.90
C GLY A 442 -30.53 6.60 18.03
N PRO A 443 -31.24 6.63 16.90
CA PRO A 443 -32.69 6.91 16.87
C PRO A 443 -33.53 5.81 17.50
N THR A 444 -34.70 6.19 17.99
CA THR A 444 -35.65 5.24 18.58
C THR A 444 -36.90 5.04 17.71
N THR A 445 -37.04 5.87 16.68
CA THR A 445 -38.12 5.75 15.70
C THR A 445 -37.55 5.74 14.28
N GLY A 446 -38.14 4.92 13.41
CA GLY A 446 -37.70 4.77 12.03
C GLY A 446 -37.97 5.97 11.13
N THR A 447 -37.56 5.86 9.88
CA THR A 447 -37.74 6.93 8.89
C THR A 447 -38.40 6.40 7.62
N VAL A 448 -38.98 5.20 7.71
CA VAL A 448 -39.65 4.56 6.58
C VAL A 448 -40.70 5.48 5.94
N GLY A 449 -41.49 6.16 6.78
CA GLY A 449 -42.48 7.13 6.31
C GLY A 449 -41.93 8.22 5.41
N THR A 450 -40.61 8.30 5.31
CA THR A 450 -39.95 9.28 4.44
C THR A 450 -39.38 8.63 3.17
N PHE A 451 -38.50 7.64 3.33
CA PHE A 451 -37.80 7.06 2.18
C PHE A 451 -38.58 5.97 1.43
N GLU A 452 -39.68 5.51 2.02
CA GLU A 452 -40.58 4.57 1.35
C GLU A 452 -41.29 5.27 0.19
N LEU A 453 -41.56 6.56 0.37
CA LEU A 453 -42.14 7.41 -0.66
C LEU A 453 -41.12 7.76 -1.75
N MET A 454 -39.87 7.36 -1.54
CA MET A 454 -38.80 7.62 -2.49
C MET A 454 -38.49 6.38 -3.31
N SER A 455 -38.20 6.60 -4.60
CA SER A 455 -37.91 5.52 -5.54
C SER A 455 -36.61 4.79 -5.21
N SER A 456 -36.62 3.48 -5.44
CA SER A 456 -35.44 2.64 -5.30
C SER A 456 -34.29 3.15 -6.20
N LYS A 457 -34.65 3.57 -7.40
CA LYS A 457 -33.70 4.14 -8.37
C LYS A 457 -33.15 5.48 -7.88
N ASP A 458 -34.03 6.34 -7.35
CA ASP A 458 -33.64 7.65 -6.85
C ASP A 458 -32.70 7.58 -5.65
N LEU A 459 -32.96 6.64 -4.75
CA LEU A 459 -32.15 6.46 -3.54
C LEU A 459 -30.74 5.98 -3.90
N ALA A 460 -30.66 4.95 -4.75
CA ALA A 460 -29.38 4.39 -5.16
C ALA A 460 -28.53 5.40 -5.95
N TYR A 461 -29.19 6.21 -6.78
CA TYR A 461 -28.52 7.22 -7.58
C TYR A 461 -27.93 8.33 -6.71
N GLN A 462 -28.70 8.78 -5.72
CA GLN A 462 -28.24 9.84 -4.80
C GLN A 462 -27.16 9.33 -3.86
N MET A 463 -27.18 8.03 -3.56
CA MET A 463 -26.14 7.38 -2.77
C MET A 463 -24.83 7.35 -3.53
N THR A 464 -24.89 6.90 -4.79
CA THR A 464 -23.71 6.78 -5.65
C THR A 464 -23.10 8.15 -5.97
N THR A 465 -23.95 9.15 -6.14
CA THR A 465 -23.51 10.54 -6.34
C THR A 465 -22.72 11.03 -5.12
N TYR A 466 -23.32 10.85 -3.94
CA TYR A 466 -22.69 11.23 -2.68
C TYR A 466 -21.40 10.42 -2.43
N ASP A 467 -21.45 9.13 -2.75
CA ASP A 467 -20.30 8.24 -2.62
C ASP A 467 -19.12 8.67 -3.51
N TRP A 468 -19.43 9.14 -4.72
CA TRP A 468 -18.41 9.61 -5.66
C TRP A 468 -17.74 10.91 -5.21
N GLU A 469 -18.52 11.79 -4.60
CA GLU A 469 -17.98 13.02 -4.03
C GLU A 469 -16.99 12.70 -2.91
N LEU A 470 -17.33 11.71 -2.09
CA LEU A 470 -16.49 11.26 -0.99
C LEU A 470 -15.27 10.48 -1.48
N PHE A 471 -15.46 9.67 -2.52
CA PHE A 471 -14.38 8.87 -3.10
C PHE A 471 -13.34 9.75 -3.82
N ASN A 472 -13.79 10.78 -4.53
CA ASN A 472 -12.89 11.70 -5.22
C ASN A 472 -12.21 12.69 -4.27
N CYS A 473 -12.73 12.81 -3.06
CA CYS A 473 -12.09 13.61 -2.02
C CYS A 473 -10.84 12.92 -1.46
N VAL A 474 -10.77 11.60 -1.64
CA VAL A 474 -9.64 10.79 -1.17
C VAL A 474 -8.45 10.97 -2.09
N HIS A 475 -7.35 11.50 -1.57
CA HIS A 475 -6.11 11.60 -2.33
C HIS A 475 -5.41 10.25 -2.33
N GLU A 476 -4.70 9.94 -3.42
CA GLU A 476 -3.94 8.70 -3.54
C GLU A 476 -2.94 8.50 -2.41
N LEU A 477 -2.34 9.60 -1.95
CA LEU A 477 -1.31 9.54 -0.91
C LEU A 477 -1.87 9.17 0.46
N GLU A 478 -3.16 9.43 0.66
CA GLU A 478 -3.85 9.05 1.90
C GLU A 478 -3.83 7.53 2.10
N LEU A 479 -3.91 6.78 1.01
CA LEU A 479 -3.79 5.32 1.04
C LEU A 479 -2.42 4.89 1.55
N ILE A 480 -1.38 5.62 1.13
CA ILE A 480 -0.01 5.36 1.57
C ILE A 480 0.14 5.71 3.06
N TYR A 481 -0.37 6.86 3.45
CA TYR A 481 -0.28 7.33 4.84
C TYR A 481 -1.03 6.40 5.79
N HIS A 482 -2.18 5.90 5.35
CA HIS A 482 -3.02 5.02 6.15
C HIS A 482 -2.34 3.67 6.37
N THR A 483 -1.71 3.16 5.32
CA THR A 483 -1.09 1.84 5.34
C THR A 483 0.18 1.80 6.20
N PHE A 484 1.05 2.80 6.03
CA PHE A 484 2.33 2.84 6.71
C PHE A 484 2.24 3.47 8.10
N GLY A 485 1.11 4.09 8.41
CA GLY A 485 0.89 4.70 9.72
C GLY A 485 0.99 6.22 9.68
N ARG A 486 -0.11 6.89 10.02
CA ARG A 486 -0.22 8.34 9.96
C ARG A 486 0.86 9.10 10.75
N HIS A 487 1.29 8.54 11.88
CA HIS A 487 2.28 9.18 12.74
C HIS A 487 3.65 9.32 12.06
N ASN A 488 3.95 8.41 11.14
CA ASN A 488 5.19 8.45 10.37
C ASN A 488 5.25 9.57 9.35
N PHE A 489 4.11 10.21 9.09
CA PHE A 489 4.01 11.29 8.11
C PHE A 489 3.48 12.56 8.72
N LYS A 490 2.80 12.43 9.87
CA LYS A 490 2.09 13.52 10.53
C LYS A 490 1.09 14.17 9.57
N LYS A 491 0.44 13.32 8.78
CA LYS A 491 -0.54 13.76 7.80
C LYS A 491 -1.93 13.18 8.12
N THR A 492 -2.96 13.90 7.69
CA THR A 492 -4.33 13.43 7.84
C THR A 492 -4.69 12.39 6.78
N THR A 493 -5.61 11.49 7.14
CA THR A 493 -6.27 10.64 6.15
C THR A 493 -7.79 10.85 6.25
N ALA A 494 -8.18 12.06 6.67
CA ALA A 494 -9.57 12.40 6.98
C ALA A 494 -10.57 12.03 5.89
N ASN A 495 -10.19 12.27 4.63
CA ASN A 495 -11.05 11.97 3.49
C ASN A 495 -11.25 10.46 3.31
N LEU A 496 -10.18 9.69 3.50
CA LEU A 496 -10.26 8.24 3.45
C LEU A 496 -11.05 7.72 4.66
N ASP A 497 -10.79 8.29 5.83
CA ASP A 497 -11.46 7.91 7.08
C ASP A 497 -12.97 8.03 6.96
N LEU A 498 -13.44 9.17 6.44
CA LEU A 498 -14.87 9.43 6.31
C LEU A 498 -15.51 8.57 5.23
N PHE A 499 -14.76 8.27 4.18
CA PHE A 499 -15.25 7.40 3.11
C PHE A 499 -15.32 5.94 3.55
N LEU A 500 -14.39 5.51 4.39
CA LEU A 500 -14.42 4.15 4.94
C LEU A 500 -15.57 3.99 5.96
N ARG A 501 -15.84 5.04 6.72
CA ARG A 501 -16.92 5.06 7.70
C ARG A 501 -18.28 4.99 7.01
N ARG A 502 -18.35 5.49 5.78
CA ARG A 502 -19.55 5.47 4.94
C ARG A 502 -20.07 4.04 4.71
N PHE A 503 -19.15 3.10 4.57
CA PHE A 503 -19.52 1.69 4.40
C PHE A 503 -20.29 1.17 5.60
N ASN A 504 -19.83 1.51 6.80
CA ASN A 504 -20.49 1.13 8.05
C ASN A 504 -21.79 1.89 8.26
N GLU A 505 -21.84 3.14 7.83
CA GLU A 505 -23.03 3.97 7.93
C GLU A 505 -24.18 3.37 7.13
N ILE A 506 -23.90 2.97 5.89
CA ILE A 506 -24.89 2.35 5.01
C ILE A 506 -25.35 1.00 5.57
N GLN A 507 -24.39 0.19 6.02
CA GLN A 507 -24.68 -1.12 6.60
C GLN A 507 -25.65 -1.00 7.78
N PHE A 508 -25.31 -0.11 8.72
CA PHE A 508 -26.09 0.05 9.95
C PHE A 508 -27.41 0.79 9.74
N TRP A 509 -27.50 1.55 8.65
CA TRP A 509 -28.75 2.18 8.22
C TRP A 509 -29.79 1.10 7.88
N VAL A 510 -29.37 0.10 7.13
CA VAL A 510 -30.20 -1.05 6.79
C VAL A 510 -30.71 -1.75 8.07
N VAL A 511 -29.78 -2.10 8.95
CA VAL A 511 -30.12 -2.81 10.19
C VAL A 511 -31.03 -1.96 11.10
N THR A 512 -30.73 -0.65 11.18
CA THR A 512 -31.50 0.28 11.99
C THR A 512 -32.98 0.34 11.56
N GLU A 513 -33.21 0.54 10.27
CA GLU A 513 -34.57 0.71 9.76
C GLU A 513 -35.39 -0.57 9.86
N VAL A 514 -34.75 -1.71 9.59
CA VAL A 514 -35.39 -3.01 9.73
C VAL A 514 -35.79 -3.27 11.19
N CYS A 515 -34.86 -3.02 12.12
CA CYS A 515 -35.07 -3.28 13.54
C CYS A 515 -36.05 -2.31 14.21
N LEU A 516 -36.24 -1.14 13.62
CA LEU A 516 -37.20 -0.16 14.12
C LEU A 516 -38.57 -0.26 13.44
N CYS A 517 -38.73 -1.26 12.58
CA CYS A 517 -39.97 -1.49 11.85
C CYS A 517 -40.82 -2.55 12.54
N SER A 518 -41.77 -2.10 13.35
CA SER A 518 -42.60 -3.00 14.17
C SER A 518 -43.56 -3.88 13.36
N GLN A 519 -44.19 -3.29 12.34
CA GLN A 519 -45.18 -3.99 11.52
C GLN A 519 -44.51 -4.95 10.55
N LEU A 520 -44.84 -6.24 10.67
CA LEU A 520 -44.24 -7.31 9.85
C LEU A 520 -44.43 -7.09 8.34
N SER A 521 -45.64 -6.67 7.95
CA SER A 521 -45.97 -6.46 6.54
C SER A 521 -45.07 -5.40 5.89
N LYS A 522 -44.90 -4.28 6.59
CA LYS A 522 -44.04 -3.19 6.13
C LYS A 522 -42.56 -3.55 6.21
N ARG A 523 -42.23 -4.45 7.14
CA ARG A 523 -40.86 -4.93 7.30
C ARG A 523 -40.45 -5.80 6.11
N VAL A 524 -41.40 -6.55 5.57
CA VAL A 524 -41.19 -7.32 4.34
C VAL A 524 -40.95 -6.37 3.17
N GLN A 525 -41.70 -5.26 3.14
CA GLN A 525 -41.52 -4.22 2.13
C GLN A 525 -40.15 -3.55 2.22
N LEU A 526 -39.57 -3.51 3.42
CA LEU A 526 -38.23 -2.97 3.62
C LEU A 526 -37.16 -3.86 3.03
N LEU A 527 -37.21 -5.15 3.36
CA LEU A 527 -36.26 -6.12 2.82
C LEU A 527 -36.26 -6.12 1.30
N LYS A 528 -37.46 -6.09 0.72
CA LYS A 528 -37.64 -5.99 -0.72
C LYS A 528 -36.97 -4.72 -1.26
N LYS A 529 -37.21 -3.60 -0.61
CA LYS A 529 -36.71 -2.30 -1.06
C LYS A 529 -35.20 -2.19 -0.99
N PHE A 530 -34.59 -2.66 0.10
CA PHE A 530 -33.14 -2.65 0.26
C PHE A 530 -32.46 -3.52 -0.80
N ILE A 531 -33.05 -4.67 -1.10
CA ILE A 531 -32.55 -5.56 -2.15
C ILE A 531 -32.56 -4.86 -3.51
N LYS A 532 -33.60 -4.08 -3.76
CA LYS A 532 -33.72 -3.31 -5.00
C LYS A 532 -32.71 -2.17 -5.08
N ILE A 533 -32.54 -1.45 -3.96
CA ILE A 533 -31.55 -0.36 -3.86
C ILE A 533 -30.14 -0.90 -4.13
N ALA A 534 -29.85 -2.08 -3.59
CA ALA A 534 -28.58 -2.77 -3.80
C ALA A 534 -28.37 -3.09 -5.28
N ALA A 535 -29.43 -3.59 -5.93
CA ALA A 535 -29.40 -3.96 -7.35
C ALA A 535 -29.09 -2.76 -8.24
N HIS A 536 -29.72 -1.62 -7.93
CA HIS A 536 -29.46 -0.37 -8.64
C HIS A 536 -28.03 0.13 -8.40
N CYS A 537 -27.55 0.00 -7.17
CA CYS A 537 -26.17 0.35 -6.82
C CYS A 537 -25.17 -0.47 -7.61
N LYS A 538 -25.42 -1.78 -7.73
CA LYS A 538 -24.58 -2.69 -8.51
C LYS A 538 -24.57 -2.34 -10.00
N GLU A 539 -25.72 -1.87 -10.50
CA GLU A 539 -25.85 -1.44 -11.89
C GLU A 539 -25.05 -0.17 -12.17
N TYR A 540 -25.07 0.76 -11.21
CA TYR A 540 -24.29 1.99 -11.30
C TYR A 540 -22.80 1.78 -11.04
N LYS A 541 -22.43 0.51 -10.82
CA LYS A 541 -21.04 0.10 -10.55
C LYS A 541 -20.51 0.56 -9.17
N ASN A 542 -21.42 0.98 -8.31
CA ASN A 542 -21.12 1.26 -6.91
C ASN A 542 -21.12 -0.03 -6.09
N LEU A 543 -20.04 -0.81 -6.23
CA LEU A 543 -19.97 -2.11 -5.57
C LEU A 543 -19.80 -2.00 -4.06
N ASN A 544 -19.23 -0.89 -3.61
CA ASN A 544 -19.02 -0.63 -2.19
C ASN A 544 -20.32 -0.55 -1.41
N SER A 545 -21.19 0.37 -1.81
CA SER A 545 -22.50 0.56 -1.19
C SER A 545 -23.42 -0.64 -1.43
N PHE A 546 -23.19 -1.36 -2.53
CA PHE A 546 -23.90 -2.59 -2.83
C PHE A 546 -23.62 -3.65 -1.76
N PHE A 547 -22.34 -3.92 -1.50
CA PHE A 547 -21.95 -4.89 -0.48
C PHE A 547 -22.33 -4.44 0.94
N ALA A 548 -22.39 -3.13 1.14
CA ALA A 548 -22.78 -2.55 2.42
C ALA A 548 -24.24 -2.86 2.79
N ILE A 549 -25.14 -2.72 1.81
CA ILE A 549 -26.55 -3.06 1.99
C ILE A 549 -26.72 -4.56 2.16
N VAL A 550 -26.06 -5.35 1.32
CA VAL A 550 -26.11 -6.80 1.38
C VAL A 550 -25.64 -7.33 2.74
N MET A 551 -24.52 -6.78 3.22
CA MET A 551 -24.01 -7.12 4.54
C MET A 551 -24.90 -6.63 5.68
N GLY A 552 -25.65 -5.55 5.43
CA GLY A 552 -26.67 -5.08 6.37
C GLY A 552 -27.80 -6.08 6.50
N LEU A 553 -28.20 -6.67 5.38
CA LEU A 553 -29.20 -7.73 5.34
C LEU A 553 -28.67 -9.04 5.93
N SER A 554 -27.35 -9.20 5.91
CA SER A 554 -26.69 -10.40 6.44
C SER A 554 -26.46 -10.31 7.94
N ASN A 555 -26.58 -9.10 8.49
CA ASN A 555 -26.38 -8.87 9.92
C ASN A 555 -27.26 -9.78 10.78
N VAL A 556 -26.66 -10.30 11.85
CA VAL A 556 -27.31 -11.24 12.77
C VAL A 556 -28.72 -10.82 13.17
N ALA A 557 -28.91 -9.53 13.45
CA ALA A 557 -30.20 -8.98 13.86
C ALA A 557 -31.27 -8.99 12.76
N VAL A 558 -30.83 -9.03 11.50
CA VAL A 558 -31.74 -9.03 10.35
C VAL A 558 -31.99 -10.44 9.81
N SER A 559 -30.94 -11.26 9.78
CA SER A 559 -31.02 -12.64 9.30
C SER A 559 -31.84 -13.54 10.25
N ARG A 560 -31.99 -13.10 11.49
CA ARG A 560 -32.78 -13.78 12.52
C ARG A 560 -34.27 -13.81 12.21
N LEU A 561 -34.76 -12.81 11.48
CA LEU A 561 -36.19 -12.60 11.30
C LEU A 561 -36.79 -13.53 10.24
N ALA A 562 -36.89 -14.81 10.59
CA ALA A 562 -37.39 -15.85 9.70
C ALA A 562 -38.78 -15.55 9.12
N LEU A 563 -39.66 -15.02 9.96
CA LEU A 563 -41.03 -14.70 9.55
C LEU A 563 -41.08 -13.58 8.51
N THR A 564 -40.07 -12.72 8.52
CA THR A 564 -39.96 -11.64 7.54
C THR A 564 -39.38 -12.16 6.21
N TRP A 565 -38.30 -12.94 6.31
CA TRP A 565 -37.65 -13.52 5.12
C TRP A 565 -38.54 -14.50 4.39
N GLU A 566 -39.24 -15.33 5.16
CA GLU A 566 -40.19 -16.32 4.62
C GLU A 566 -41.29 -15.66 3.78
N LYS A 567 -41.82 -14.54 4.26
CA LYS A 567 -42.92 -13.85 3.59
C LYS A 567 -42.48 -13.02 2.39
N LEU A 568 -41.17 -12.88 2.22
CA LEU A 568 -40.60 -12.19 1.05
C LEU A 568 -40.72 -13.09 -0.18
N PRO A 569 -41.20 -12.53 -1.32
CA PRO A 569 -41.34 -13.28 -2.57
C PRO A 569 -40.04 -13.97 -2.98
N SER A 570 -40.15 -15.19 -3.53
CA SER A 570 -39.00 -16.01 -3.91
C SER A 570 -38.11 -15.38 -4.98
N LYS A 571 -38.68 -14.42 -5.71
CA LYS A 571 -37.95 -13.64 -6.71
C LYS A 571 -36.82 -12.84 -6.05
N PHE A 572 -37.12 -12.28 -4.88
CA PHE A 572 -36.15 -11.48 -4.14
C PHE A 572 -35.30 -12.34 -3.20
N LYS A 573 -35.82 -13.51 -2.84
CA LYS A 573 -35.06 -14.51 -2.08
C LYS A 573 -33.84 -14.98 -2.88
N LYS A 574 -34.07 -15.24 -4.16
CA LYS A 574 -33.02 -15.70 -5.07
C LYS A 574 -32.07 -14.56 -5.45
N PHE A 575 -32.60 -13.36 -5.62
CA PHE A 575 -31.80 -12.17 -5.89
C PHE A 575 -30.76 -11.94 -4.79
N TYR A 576 -31.21 -12.00 -3.54
CA TYR A 576 -30.34 -11.81 -2.38
C TYR A 576 -29.32 -12.94 -2.21
N ALA A 577 -29.77 -14.17 -2.40
CA ALA A 577 -28.89 -15.35 -2.32
C ALA A 577 -27.77 -15.27 -3.36
N GLU A 578 -28.07 -14.67 -4.50
CA GLU A 578 -27.08 -14.40 -5.55
C GLU A 578 -26.10 -13.32 -5.11
N PHE A 579 -26.59 -12.33 -4.37
CA PHE A 579 -25.75 -11.26 -3.84
C PHE A 579 -24.81 -11.79 -2.76
N GLU A 580 -25.31 -12.68 -1.91
CA GLU A 580 -24.52 -13.31 -0.85
C GLU A 580 -23.39 -14.20 -1.38
N SER A 581 -23.61 -14.80 -2.55
CA SER A 581 -22.61 -15.65 -3.19
C SER A 581 -21.46 -14.84 -3.79
N LEU A 582 -21.77 -13.60 -4.20
CA LEU A 582 -20.76 -12.65 -4.68
C LEU A 582 -19.82 -12.22 -3.55
N MET A 583 -20.22 -12.48 -2.31
CA MET A 583 -19.46 -12.11 -1.13
C MET A 583 -18.54 -13.23 -0.66
N ASP A 584 -18.56 -14.35 -1.38
CA ASP A 584 -17.79 -15.54 -1.02
C ASP A 584 -16.30 -15.20 -0.88
N PRO A 585 -15.73 -15.38 0.33
CA PRO A 585 -14.32 -15.12 0.56
C PRO A 585 -13.41 -16.21 -0.03
N SER A 586 -14.03 -17.20 -0.67
CA SER A 586 -13.33 -18.34 -1.25
C SER A 586 -12.39 -17.92 -2.38
N ARG A 587 -11.19 -18.49 -2.36
CA ARG A 587 -10.14 -18.21 -3.35
C ARG A 587 -9.85 -16.71 -3.46
N ASN A 588 -9.55 -16.11 -2.31
CA ASN A 588 -9.28 -14.67 -2.16
C ASN A 588 -10.38 -13.80 -2.79
N HIS A 589 -11.61 -13.99 -2.31
CA HIS A 589 -12.80 -13.28 -2.81
C HIS A 589 -12.91 -13.27 -4.33
N ARG A 590 -12.69 -14.45 -4.92
CA ARG A 590 -12.69 -14.64 -6.38
C ARG A 590 -13.99 -14.14 -7.03
N ALA A 591 -15.11 -14.39 -6.37
CA ALA A 591 -16.42 -13.97 -6.87
C ALA A 591 -16.50 -12.46 -7.05
N TYR A 592 -15.99 -11.69 -6.10
CA TYR A 592 -15.96 -10.24 -6.21
C TYR A 592 -14.91 -9.76 -7.21
N ARG A 593 -13.70 -10.32 -7.09
CA ARG A 593 -12.56 -9.88 -7.91
C ARG A 593 -12.83 -9.97 -9.41
N LEU A 594 -13.43 -11.08 -9.83
CA LEU A 594 -13.83 -11.28 -11.23
C LEU A 594 -14.93 -10.31 -11.64
N THR A 595 -15.85 -10.01 -10.72
CA THR A 595 -16.95 -9.08 -10.97
C THR A 595 -16.42 -7.67 -11.24
N ALA A 596 -15.51 -7.22 -10.39
CA ALA A 596 -14.90 -5.89 -10.50
C ALA A 596 -13.98 -5.76 -11.72
N ALA A 597 -13.30 -6.86 -12.06
CA ALA A 597 -12.37 -6.89 -13.20
C ALA A 597 -13.08 -6.68 -14.53
N LYS A 598 -14.26 -7.29 -14.67
CA LYS A 598 -15.08 -7.17 -15.88
C LYS A 598 -15.55 -5.74 -16.15
N LEU A 599 -15.74 -4.97 -15.08
CA LEU A 599 -16.32 -3.62 -15.18
C LEU A 599 -15.35 -2.59 -15.74
N GLU A 600 -15.91 -1.57 -16.38
CA GLU A 600 -15.14 -0.48 -16.97
C GLU A 600 -15.00 0.69 -16.00
N PRO A 601 -13.90 1.47 -16.11
CA PRO A 601 -13.41 2.50 -15.18
C PRO A 601 -14.40 3.08 -14.14
N PRO A 602 -15.41 3.89 -14.54
CA PRO A 602 -16.14 4.60 -13.47
C PRO A 602 -16.89 3.66 -12.52
N LEU A 603 -16.20 3.26 -11.45
CA LEU A 603 -16.72 2.30 -10.48
C LEU A 603 -16.14 2.52 -9.08
N ILE A 604 -16.93 2.19 -8.06
CA ILE A 604 -16.48 2.26 -6.67
C ILE A 604 -16.24 0.83 -6.18
N PRO A 605 -14.98 0.52 -5.83
CA PRO A 605 -14.62 -0.84 -5.43
C PRO A 605 -15.05 -1.18 -4.01
N PHE A 606 -14.98 -2.47 -3.68
CA PHE A 606 -15.23 -2.95 -2.33
C PHE A 606 -14.06 -2.53 -1.43
N MET A 607 -14.27 -1.43 -0.70
CA MET A 607 -13.19 -0.75 0.03
C MET A 607 -12.51 -1.56 1.14
N PRO A 608 -13.29 -2.34 1.93
CA PRO A 608 -12.62 -3.12 2.96
C PRO A 608 -11.58 -4.11 2.43
N LEU A 609 -11.82 -4.67 1.24
CA LEU A 609 -10.87 -5.60 0.64
C LEU A 609 -9.63 -4.87 0.11
N LEU A 610 -9.84 -3.64 -0.38
CA LEU A 610 -8.73 -2.79 -0.79
C LEU A 610 -7.82 -2.46 0.39
N ILE A 611 -8.41 -2.15 1.54
CA ILE A 611 -7.67 -1.89 2.76
C ILE A 611 -6.94 -3.16 3.23
N LYS A 612 -7.57 -4.32 3.03
CA LYS A 612 -6.93 -5.60 3.35
C LYS A 612 -5.69 -5.83 2.47
N ASP A 613 -5.84 -5.70 1.16
CA ASP A 613 -4.73 -5.85 0.21
C ASP A 613 -3.53 -5.01 0.63
N MET A 614 -3.78 -3.75 0.92
CA MET A 614 -2.75 -2.81 1.33
C MET A 614 -2.08 -3.22 2.64
N THR A 615 -2.89 -3.64 3.62
CA THR A 615 -2.40 -4.08 4.92
C THR A 615 -1.43 -5.26 4.78
N PHE A 616 -1.84 -6.25 3.99
CA PHE A 616 -1.04 -7.45 3.81
C PHE A 616 0.19 -7.25 2.90
N THR A 617 0.13 -6.26 2.02
CA THR A 617 1.31 -5.87 1.23
C THR A 617 2.37 -5.26 2.15
N HIS A 618 1.93 -4.43 3.09
CA HIS A 618 2.83 -3.80 4.04
C HIS A 618 3.38 -4.78 5.08
N GLU A 619 2.51 -5.60 5.66
CA GLU A 619 2.94 -6.57 6.67
C GLU A 619 3.65 -7.78 6.09
N GLY A 620 3.29 -8.16 4.86
CA GLY A 620 3.87 -9.33 4.21
C GLY A 620 5.25 -9.11 3.61
N ASN A 621 5.65 -7.84 3.48
CA ASN A 621 6.91 -7.48 2.84
C ASN A 621 7.71 -6.49 3.68
N LYS A 622 9.02 -6.70 3.76
CA LYS A 622 9.92 -5.80 4.47
C LYS A 622 10.15 -4.53 3.68
N THR A 623 10.15 -3.39 4.36
CA THR A 623 10.44 -2.10 3.72
C THR A 623 11.90 -1.99 3.33
N PHE A 624 12.78 -2.59 4.15
CA PHE A 624 14.22 -2.59 3.89
C PHE A 624 14.79 -4.01 3.80
N ILE A 625 15.66 -4.22 2.80
CA ILE A 625 16.40 -5.48 2.65
C ILE A 625 17.89 -5.17 2.59
N ASP A 626 18.64 -5.68 3.57
CA ASP A 626 20.06 -5.36 3.75
C ASP A 626 20.27 -3.85 3.80
N ASN A 627 19.46 -3.18 4.64
CA ASN A 627 19.49 -1.72 4.82
C ASN A 627 19.23 -0.90 3.55
N LEU A 628 18.75 -1.57 2.51
CA LEU A 628 18.39 -0.91 1.27
C LEU A 628 16.87 -0.88 1.11
N VAL A 629 16.35 0.16 0.48
CA VAL A 629 14.92 0.29 0.21
C VAL A 629 14.45 -0.87 -0.67
N ASN A 630 13.49 -1.64 -0.16
CA ASN A 630 12.87 -2.72 -0.94
C ASN A 630 11.88 -2.12 -1.93
N PHE A 631 12.36 -1.81 -3.13
CA PHE A 631 11.56 -1.12 -4.14
C PHE A 631 10.51 -2.04 -4.79
N GLU A 632 10.74 -3.34 -4.69
CA GLU A 632 9.76 -4.35 -5.09
C GLU A 632 8.45 -4.17 -4.32
N LYS A 633 8.58 -3.97 -3.00
CA LYS A 633 7.44 -3.65 -2.14
C LYS A 633 6.79 -2.31 -2.52
N MET A 634 7.62 -1.32 -2.80
CA MET A 634 7.14 0.01 -3.20
C MET A 634 6.25 -0.05 -4.45
N ARG A 635 6.66 -0.87 -5.42
CA ARG A 635 5.89 -1.06 -6.65
C ARG A 635 4.52 -1.68 -6.41
N MET A 636 4.47 -2.68 -5.53
CA MET A 636 3.25 -3.40 -5.21
C MET A 636 2.19 -2.50 -4.57
N ILE A 637 2.64 -1.65 -3.63
CA ILE A 637 1.77 -0.66 -3.00
C ILE A 637 1.28 0.35 -4.03
N ALA A 638 2.18 0.78 -4.92
CA ALA A 638 1.87 1.75 -5.97
C ALA A 638 0.85 1.20 -6.97
N ASN A 639 0.98 -0.08 -7.30
CA ASN A 639 0.05 -0.76 -8.19
C ASN A 639 -1.37 -0.77 -7.65
N THR A 640 -1.49 -1.03 -6.35
CA THR A 640 -2.78 -1.05 -5.66
C THR A 640 -3.41 0.34 -5.64
N ALA A 641 -2.58 1.37 -5.49
CA ALA A 641 -3.05 2.76 -5.53
C ALA A 641 -3.44 3.20 -6.95
N ARG A 642 -2.74 2.67 -7.95
CA ARG A 642 -3.07 2.93 -9.36
C ARG A 642 -4.37 2.26 -9.79
N THR A 643 -4.72 1.17 -9.11
CA THR A 643 -5.99 0.50 -9.31
C THR A 643 -7.14 1.44 -8.93
N VAL A 644 -6.95 2.20 -7.85
CA VAL A 644 -7.91 3.23 -7.43
C VAL A 644 -8.00 4.34 -8.48
N ARG A 645 -6.84 4.74 -9.01
CA ARG A 645 -6.77 5.77 -10.05
C ARG A 645 -7.54 5.33 -11.30
N TYR A 646 -7.38 4.06 -11.68
CA TYR A 646 -8.10 3.48 -12.81
C TYR A 646 -9.62 3.52 -12.59
N TYR A 647 -10.06 3.18 -11.38
CA TYR A 647 -11.48 3.23 -11.00
C TYR A 647 -12.08 4.63 -11.11
N ARG A 648 -11.25 5.65 -10.96
CA ARG A 648 -11.72 7.04 -10.96
C ARG A 648 -11.31 7.80 -12.22
N SER A 649 -10.84 7.07 -13.23
CA SER A 649 -10.34 7.68 -14.47
C SER A 649 -11.45 8.25 -15.37
N GLN A 650 -12.68 7.76 -15.17
CA GLN A 650 -13.85 8.29 -15.87
C GLN A 650 -14.88 8.87 -14.90
N PRO A 651 -15.54 9.98 -15.28
CA PRO A 651 -16.51 10.63 -14.39
C PRO A 651 -17.82 9.85 -14.28
N PHE A 652 -18.66 10.25 -13.34
CA PHE A 652 -19.95 9.59 -13.12
C PHE A 652 -21.09 10.38 -13.77
N ASN A 653 -21.89 9.68 -14.57
CA ASN A 653 -23.09 10.26 -15.21
C ASN A 653 -24.38 9.66 -14.67
N HIS A 663 -34.63 16.40 -7.32
CA HIS A 663 -34.89 15.49 -6.20
C HIS A 663 -34.08 15.87 -4.97
N GLN A 664 -34.33 17.07 -4.46
CA GLN A 664 -33.58 17.62 -3.32
C GLN A 664 -33.86 16.87 -2.01
N ASP A 665 -35.09 16.39 -1.84
CA ASP A 665 -35.50 15.68 -0.63
C ASP A 665 -34.82 14.32 -0.49
N VAL A 666 -34.60 13.64 -1.62
CA VAL A 666 -33.89 12.36 -1.65
C VAL A 666 -32.41 12.57 -1.38
N ARG A 667 -31.87 13.67 -1.92
CA ARG A 667 -30.49 14.08 -1.69
C ARG A 667 -30.26 14.39 -0.20
N SER A 668 -31.20 15.11 0.40
CA SER A 668 -31.10 15.52 1.80
C SER A 668 -31.10 14.33 2.77
N TYR A 669 -31.95 13.34 2.49
CA TYR A 669 -32.06 12.15 3.33
C TYR A 669 -30.78 11.31 3.29
N VAL A 670 -30.35 10.97 2.07
CA VAL A 670 -29.19 10.12 1.82
C VAL A 670 -27.90 10.66 2.45
N ARG A 671 -27.79 11.98 2.53
CA ARG A 671 -26.60 12.65 3.04
C ARG A 671 -26.68 12.99 4.53
N GLN A 672 -27.80 12.64 5.17
CA GLN A 672 -28.00 12.94 6.60
C GLN A 672 -28.54 11.74 7.38
N LEU A 673 -27.96 10.56 7.14
CA LEU A 673 -28.37 9.34 7.82
C LEU A 673 -28.11 9.38 9.33
N ASN A 674 -29.16 9.08 10.11
CA ASN A 674 -29.04 8.89 11.56
C ASN A 674 -29.24 7.41 11.87
N VAL A 675 -28.24 6.82 12.52
CA VAL A 675 -28.07 5.37 12.55
C VAL A 675 -27.73 4.85 13.96
N ILE A 676 -28.21 3.64 14.26
CA ILE A 676 -27.75 2.89 15.44
C ILE A 676 -26.58 1.99 15.03
N ASP A 677 -25.47 2.10 15.76
CA ASP A 677 -24.31 1.24 15.53
C ASP A 677 -23.96 0.40 16.77
N ASN A 678 -24.86 0.42 17.75
CA ASN A 678 -24.76 -0.43 18.93
C ASN A 678 -25.42 -1.78 18.63
N GLN A 679 -24.60 -2.81 18.45
CA GLN A 679 -25.07 -4.13 18.04
C GLN A 679 -25.97 -4.80 19.11
N ARG A 680 -25.64 -4.58 20.39
CA ARG A 680 -26.45 -5.09 21.49
C ARG A 680 -27.88 -4.54 21.42
N THR A 681 -28.00 -3.25 21.18
CA THR A 681 -29.28 -2.56 21.07
C THR A 681 -30.07 -3.12 19.88
N LEU A 682 -29.40 -3.32 18.76
CA LEU A 682 -30.03 -3.83 17.54
C LEU A 682 -30.50 -5.27 17.69
N SER A 683 -29.72 -6.09 18.39
CA SER A 683 -30.10 -7.47 18.68
C SER A 683 -31.31 -7.52 19.62
N GLN A 684 -31.33 -6.64 20.62
CA GLN A 684 -32.44 -6.56 21.57
C GLN A 684 -33.74 -6.14 20.89
N MET A 685 -33.64 -5.18 19.96
CA MET A 685 -34.80 -4.74 19.18
C MET A 685 -35.32 -5.84 18.27
N SER A 686 -34.38 -6.62 17.72
CA SER A 686 -34.70 -7.76 16.86
C SER A 686 -35.44 -8.87 17.62
N HIS A 687 -34.97 -9.14 18.84
CA HIS A 687 -35.52 -10.20 19.67
C HIS A 687 -36.94 -9.94 20.17
N ARG A 688 -37.37 -8.67 20.14
CA ARG A 688 -38.74 -8.32 20.54
C ARG A 688 -39.67 -8.11 19.34
N LEU A 689 -39.09 -7.99 18.15
CA LEU A 689 -39.88 -8.00 16.91
C LEU A 689 -40.32 -9.42 16.59
N GLU A 690 -39.37 -10.35 16.68
CA GLU A 690 -39.64 -11.78 16.50
C GLU A 690 -38.89 -12.58 17.57
N PRO A 691 -39.61 -12.99 18.62
CA PRO A 691 -39.04 -13.70 19.78
C PRO A 691 -38.33 -15.02 19.44
N GLU B 3 -10.96 -29.14 0.96
CA GLU B 3 -11.25 -27.69 1.15
C GLU B 3 -11.60 -27.36 2.61
N TYR B 4 -10.85 -26.43 3.20
CA TYR B 4 -11.05 -26.01 4.58
C TYR B 4 -10.90 -24.50 4.70
N LYS B 5 -11.59 -23.92 5.67
CA LYS B 5 -11.57 -22.47 5.89
C LYS B 5 -11.37 -22.12 7.36
N LEU B 6 -10.22 -21.53 7.68
CA LEU B 6 -9.89 -21.15 9.05
C LEU B 6 -9.81 -19.64 9.19
N VAL B 7 -10.19 -19.13 10.38
CA VAL B 7 -10.31 -17.69 10.61
C VAL B 7 -9.37 -17.23 11.73
N VAL B 8 -8.74 -16.08 11.52
CA VAL B 8 -7.87 -15.47 12.53
C VAL B 8 -8.54 -14.22 13.10
N LEU B 9 -8.75 -14.23 14.42
CA LEU B 9 -9.45 -13.14 15.11
C LEU B 9 -8.61 -12.52 16.21
N GLY B 10 -8.90 -11.25 16.51
CA GLY B 10 -8.17 -10.50 17.54
C GLY B 10 -8.15 -9.01 17.23
N SER B 11 -7.65 -8.23 18.19
CA SER B 11 -7.53 -6.79 18.04
C SER B 11 -6.32 -6.42 17.18
N GLY B 12 -6.23 -5.15 16.80
CA GLY B 12 -5.13 -4.66 15.97
C GLY B 12 -3.80 -4.62 16.71
N GLY B 13 -2.72 -4.79 15.97
CA GLY B 13 -1.37 -4.77 16.55
C GLY B 13 -1.05 -6.03 17.34
N VAL B 14 -1.82 -7.08 17.09
CA VAL B 14 -1.65 -8.36 17.77
C VAL B 14 -0.63 -9.25 17.06
N GLY B 15 -0.72 -9.31 15.73
CA GLY B 15 0.18 -10.14 14.93
C GLY B 15 -0.58 -11.12 14.05
N LYS B 16 -1.86 -10.84 13.83
CA LYS B 16 -2.70 -11.70 13.00
C LYS B 16 -2.14 -11.88 11.59
N SER B 17 -1.84 -10.75 10.94
CA SER B 17 -1.34 -10.75 9.56
C SER B 17 0.05 -11.38 9.46
N ALA B 18 0.88 -11.12 10.48
CA ALA B 18 2.24 -11.67 10.55
C ALA B 18 2.21 -13.19 10.66
N LEU B 19 1.26 -13.72 11.43
CA LEU B 19 1.06 -15.17 11.56
C LEU B 19 0.51 -15.79 10.28
N THR B 20 -0.38 -15.06 9.61
CA THR B 20 -1.01 -15.53 8.37
C THR B 20 -0.01 -15.69 7.23
N VAL B 21 0.81 -14.65 7.01
CA VAL B 21 1.84 -14.67 5.97
C VAL B 21 2.91 -15.72 6.29
N GLN B 22 3.34 -15.74 7.55
CA GLN B 22 4.38 -16.66 8.01
C GLN B 22 3.96 -18.13 7.89
N PHE B 23 2.67 -18.39 7.92
CA PHE B 23 2.15 -19.75 7.72
C PHE B 23 2.09 -20.10 6.23
N VAL B 24 1.43 -19.25 5.44
CA VAL B 24 1.17 -19.56 4.02
C VAL B 24 2.40 -19.55 3.12
N GLN B 25 3.40 -18.74 3.48
CA GLN B 25 4.56 -18.51 2.61
C GLN B 25 5.81 -18.19 3.41
N GLY B 26 5.72 -17.19 4.28
CA GLY B 26 6.86 -16.76 5.08
C GLY B 26 7.34 -15.38 4.69
N ILE B 27 7.62 -14.55 5.69
CA ILE B 27 8.12 -13.20 5.48
C ILE B 27 9.58 -13.24 5.02
N PHE B 28 9.91 -12.37 4.07
CA PHE B 28 11.27 -12.17 3.55
C PHE B 28 11.71 -13.18 2.48
N VAL B 29 11.61 -14.48 2.79
CA VAL B 29 12.06 -15.54 1.87
C VAL B 29 11.46 -15.41 0.47
N GLU B 30 10.20 -14.97 0.41
CA GLU B 30 9.51 -14.69 -0.84
C GLU B 30 8.72 -13.41 -0.66
N LYS B 31 8.52 -12.67 -1.75
CA LYS B 31 7.62 -11.52 -1.72
C LYS B 31 6.19 -12.01 -1.53
N TYR B 32 5.39 -11.24 -0.81
CA TYR B 32 4.00 -11.64 -0.57
C TYR B 32 3.01 -10.80 -1.36
N ASP B 33 2.32 -11.46 -2.29
CA ASP B 33 1.27 -10.83 -3.07
C ASP B 33 -0.09 -11.27 -2.53
N PRO B 34 -0.85 -10.32 -1.94
CA PRO B 34 -2.15 -10.64 -1.36
C PRO B 34 -3.33 -10.46 -2.31
N THR B 35 -3.05 -10.21 -3.59
CA THR B 35 -4.11 -9.93 -4.56
C THR B 35 -4.42 -11.09 -5.51
N ILE B 36 -3.65 -12.17 -5.41
CA ILE B 36 -3.83 -13.35 -6.27
C ILE B 36 -4.69 -14.42 -5.60
N GLU B 37 -5.15 -15.38 -6.41
CA GLU B 37 -6.06 -16.44 -5.96
C GLU B 37 -5.53 -17.26 -4.76
N ASP B 38 -4.27 -17.65 -4.82
CA ASP B 38 -3.69 -18.54 -3.81
C ASP B 38 -2.96 -17.82 -2.66
N SER B 39 -3.28 -16.55 -2.46
CA SER B 39 -2.61 -15.72 -1.45
C SER B 39 -2.73 -16.26 -0.02
N TYR B 40 -3.87 -16.86 0.30
CA TYR B 40 -4.15 -17.34 1.66
C TYR B 40 -4.38 -18.85 1.73
N ARG B 41 -4.15 -19.53 0.62
CA ARG B 41 -4.34 -20.98 0.53
C ARG B 41 -3.01 -21.72 0.68
N LYS B 42 -3.00 -22.74 1.53
CA LYS B 42 -1.81 -23.59 1.69
C LYS B 42 -2.20 -25.05 1.90
N GLN B 43 -1.70 -25.92 1.03
CA GLN B 43 -1.92 -27.36 1.15
C GLN B 43 -0.95 -27.97 2.17
N VAL B 44 -1.51 -28.57 3.22
CA VAL B 44 -0.71 -29.19 4.28
C VAL B 44 -1.17 -30.62 4.53
N GLN B 50 -3.45 -35.18 4.17
CA GLN B 50 -3.14 -33.97 3.40
C GLN B 50 -4.40 -33.22 2.97
N CYS B 51 -4.38 -31.90 3.15
CA CYS B 51 -5.57 -31.07 2.99
C CYS B 51 -5.27 -29.60 2.68
N MET B 52 -6.22 -28.94 2.00
CA MET B 52 -6.10 -27.53 1.62
C MET B 52 -6.71 -26.59 2.65
N LEU B 53 -5.96 -25.55 3.02
CA LEU B 53 -6.41 -24.59 4.02
C LEU B 53 -6.43 -23.16 3.49
N GLU B 54 -7.58 -22.50 3.60
CA GLU B 54 -7.69 -21.07 3.33
C GLU B 54 -7.78 -20.29 4.63
N ILE B 55 -6.86 -19.36 4.83
CA ILE B 55 -6.87 -18.53 6.03
C ILE B 55 -7.62 -17.23 5.78
N LEU B 56 -8.69 -17.03 6.53
CA LEU B 56 -9.48 -15.81 6.46
C LEU B 56 -9.11 -14.93 7.64
N ASP B 57 -8.36 -13.86 7.35
CA ASP B 57 -7.81 -13.01 8.39
C ASP B 57 -8.51 -11.65 8.43
N THR B 58 -8.80 -11.18 9.66
CA THR B 58 -9.52 -9.93 9.88
C THR B 58 -8.57 -8.74 10.02
N ALA B 59 -7.28 -8.99 9.86
CA ALA B 59 -6.25 -7.96 9.94
C ALA B 59 -6.48 -6.88 8.87
N GLY B 60 -6.52 -5.63 9.32
CA GLY B 60 -6.75 -4.50 8.43
C GLY B 60 -8.21 -4.16 8.17
N THR B 61 -9.11 -5.04 8.61
CA THR B 61 -10.54 -4.87 8.40
C THR B 61 -11.36 -4.88 9.70
N GLU B 62 -10.68 -4.72 10.83
CA GLU B 62 -11.30 -4.76 12.15
C GLU B 62 -12.38 -3.70 12.35
N GLN B 63 -12.19 -2.55 11.70
CA GLN B 63 -13.17 -1.45 11.74
C GLN B 63 -14.48 -1.78 11.05
N PHE B 64 -14.44 -2.74 10.12
CA PHE B 64 -15.64 -3.22 9.43
C PHE B 64 -16.10 -4.54 10.05
N THR B 65 -17.05 -4.46 10.98
CA THR B 65 -17.55 -5.64 11.68
C THR B 65 -18.26 -6.63 10.77
N ALA B 66 -18.76 -6.15 9.63
CA ALA B 66 -19.41 -7.00 8.64
C ALA B 66 -18.43 -8.00 8.00
N MET B 67 -17.17 -7.61 7.93
CA MET B 67 -16.10 -8.45 7.36
C MET B 67 -15.81 -9.66 8.25
N ARG B 68 -15.68 -9.45 9.56
CA ARG B 68 -15.45 -10.55 10.48
C ARG B 68 -16.65 -11.49 10.58
N ASP B 69 -17.86 -10.93 10.45
CA ASP B 69 -19.08 -11.73 10.49
C ASP B 69 -19.18 -12.65 9.28
N LEU B 70 -18.89 -12.11 8.10
CA LEU B 70 -18.83 -12.88 6.86
C LEU B 70 -17.81 -14.02 6.97
N TYR B 71 -16.67 -13.71 7.58
CA TYR B 71 -15.61 -14.69 7.80
C TYR B 71 -16.02 -15.72 8.85
N MET B 72 -16.73 -15.27 9.87
CA MET B 72 -17.28 -16.16 10.91
C MET B 72 -18.31 -17.11 10.33
N LYS B 73 -19.15 -16.59 9.43
CA LYS B 73 -20.16 -17.39 8.74
C LYS B 73 -19.51 -18.52 7.93
N ASN B 74 -18.47 -18.17 7.16
CA ASN B 74 -17.79 -19.11 6.29
C ASN B 74 -16.72 -19.94 7.03
N GLY B 75 -16.40 -19.54 8.25
CA GLY B 75 -15.36 -20.18 9.04
C GLY B 75 -15.74 -21.55 9.59
N GLN B 76 -14.72 -22.35 9.90
CA GLN B 76 -14.89 -23.68 10.47
C GLN B 76 -13.94 -23.88 11.64
N GLY B 77 -12.81 -23.19 11.59
CA GLY B 77 -11.85 -23.14 12.68
C GLY B 77 -11.53 -21.69 13.01
N PHE B 78 -11.25 -21.43 14.28
CA PHE B 78 -11.06 -20.05 14.73
C PHE B 78 -9.85 -19.89 15.65
N ALA B 79 -9.08 -18.83 15.42
CA ALA B 79 -7.91 -18.52 16.24
C ALA B 79 -8.07 -17.17 16.93
N LEU B 80 -8.27 -17.21 18.24
CA LEU B 80 -8.41 -16.00 19.05
C LEU B 80 -7.04 -15.58 19.56
N VAL B 81 -6.43 -14.63 18.86
CA VAL B 81 -5.04 -14.24 19.11
C VAL B 81 -4.95 -12.98 19.96
N TYR B 82 -4.01 -12.96 20.89
CA TYR B 82 -3.71 -11.77 21.69
C TYR B 82 -2.21 -11.56 21.83
N SER B 83 -1.81 -10.34 22.16
CA SER B 83 -0.41 -10.01 22.45
C SER B 83 -0.15 -10.10 23.95
N ILE B 84 0.89 -10.83 24.31
CA ILE B 84 1.30 -10.99 25.71
C ILE B 84 1.95 -9.71 26.27
N THR B 85 2.16 -8.72 25.39
CA THR B 85 2.68 -7.41 25.80
C THR B 85 1.55 -6.38 25.96
N ALA B 86 0.32 -6.81 25.69
CA ALA B 86 -0.84 -5.92 25.75
C ALA B 86 -1.95 -6.47 26.64
N GLN B 87 -2.21 -5.73 27.72
CA GLN B 87 -3.25 -6.08 28.70
C GLN B 87 -4.65 -6.02 28.09
N SER B 88 -4.92 -4.95 27.34
CA SER B 88 -6.24 -4.71 26.75
C SER B 88 -6.66 -5.76 25.73
N THR B 89 -5.68 -6.32 25.02
CA THR B 89 -5.95 -7.29 23.95
C THR B 89 -6.48 -8.63 24.48
N PHE B 90 -6.02 -9.03 25.66
CA PHE B 90 -6.53 -10.24 26.31
C PHE B 90 -7.99 -10.07 26.72
N ASN B 91 -8.34 -8.85 27.14
CA ASN B 91 -9.69 -8.52 27.58
C ASN B 91 -10.70 -8.40 26.43
N ASP B 92 -10.20 -8.28 25.20
CA ASP B 92 -11.05 -8.14 24.02
C ASP B 92 -11.52 -9.48 23.44
N LEU B 93 -11.01 -10.57 24.00
CA LEU B 93 -11.23 -11.92 23.45
C LEU B 93 -12.60 -12.51 23.81
N GLN B 94 -13.13 -12.11 24.96
CA GLN B 94 -14.41 -12.59 25.47
C GLN B 94 -15.57 -12.39 24.47
N ASP B 95 -15.63 -11.19 23.88
CA ASP B 95 -16.71 -10.81 22.98
C ASP B 95 -16.66 -11.56 21.64
N LEU B 96 -15.46 -11.73 21.08
CA LEU B 96 -15.26 -12.45 19.82
C LEU B 96 -15.68 -13.90 19.94
N ARG B 97 -15.39 -14.50 21.09
CA ARG B 97 -15.78 -15.87 21.41
C ARG B 97 -17.30 -16.04 21.36
N GLU B 98 -18.02 -15.07 21.93
CA GLU B 98 -19.48 -15.07 21.95
C GLU B 98 -20.06 -14.85 20.55
N GLN B 99 -19.46 -13.94 19.79
CA GLN B 99 -19.93 -13.57 18.46
C GLN B 99 -19.91 -14.73 17.45
N ILE B 100 -18.94 -15.63 17.61
CA ILE B 100 -18.85 -16.83 16.78
C ILE B 100 -20.11 -17.69 16.92
N LEU B 101 -20.52 -17.93 18.16
CA LEU B 101 -21.72 -18.71 18.45
C LEU B 101 -22.99 -17.87 18.32
N ARG B 102 -23.13 -17.21 17.17
CA ARG B 102 -24.25 -16.31 16.92
C ARG B 102 -24.48 -16.12 15.43
N VAL B 103 -23.40 -15.95 14.67
CA VAL B 103 -23.46 -15.74 13.22
C VAL B 103 -23.86 -17.03 12.51
N LYS B 104 -23.21 -18.13 12.88
CA LYS B 104 -23.51 -19.44 12.30
C LYS B 104 -24.60 -20.19 13.07
N ASP B 105 -24.93 -19.68 14.26
CA ASP B 105 -25.99 -20.22 15.12
C ASP B 105 -25.74 -21.69 15.52
N THR B 106 -24.68 -21.90 16.31
CA THR B 106 -24.28 -23.24 16.72
C THR B 106 -24.02 -23.31 18.23
N ASP B 107 -23.81 -24.51 18.74
CA ASP B 107 -23.54 -24.73 20.16
C ASP B 107 -22.04 -24.88 20.45
N ASP B 108 -21.37 -25.71 19.65
CA ASP B 108 -19.93 -25.92 19.80
C ASP B 108 -19.18 -25.67 18.48
N VAL B 109 -18.03 -25.00 18.58
CA VAL B 109 -17.23 -24.61 17.43
C VAL B 109 -15.73 -24.86 17.69
N PRO B 110 -15.03 -25.52 16.74
CA PRO B 110 -13.60 -25.78 16.88
C PRO B 110 -12.78 -24.49 16.88
N MET B 111 -12.10 -24.21 18.00
CA MET B 111 -11.29 -23.00 18.12
C MET B 111 -10.05 -23.19 19.01
N ILE B 112 -9.12 -22.25 18.89
CA ILE B 112 -7.86 -22.26 19.65
C ILE B 112 -7.46 -20.86 20.11
N LEU B 113 -7.04 -20.75 21.36
CA LEU B 113 -6.54 -19.48 21.90
C LEU B 113 -5.03 -19.38 21.67
N VAL B 114 -4.59 -18.20 21.25
CA VAL B 114 -3.19 -17.98 20.87
C VAL B 114 -2.61 -16.74 21.56
N GLY B 115 -1.46 -16.92 22.21
CA GLY B 115 -0.74 -15.82 22.84
C GLY B 115 0.50 -15.43 22.05
N ASN B 116 0.33 -14.53 21.09
CA ASN B 116 1.40 -14.13 20.18
C ASN B 116 2.45 -13.22 20.84
N LYS B 117 3.59 -13.07 20.16
CA LYS B 117 4.71 -12.21 20.60
C LYS B 117 5.42 -12.71 21.86
N CYS B 118 5.49 -14.03 22.01
CA CYS B 118 6.08 -14.66 23.21
C CYS B 118 7.61 -14.53 23.29
N ASP B 119 8.22 -14.04 22.22
CA ASP B 119 9.67 -13.89 22.14
C ASP B 119 10.23 -12.81 23.06
N LEU B 120 9.52 -11.68 23.17
CA LEU B 120 9.96 -10.55 23.99
C LEU B 120 9.40 -10.61 25.40
N GLU B 121 10.30 -10.71 26.38
CA GLU B 121 9.94 -10.92 27.78
C GLU B 121 10.06 -9.65 28.62
N ASP B 122 10.96 -8.75 28.20
CA ASP B 122 11.16 -7.48 28.90
C ASP B 122 10.03 -6.47 28.66
N GLU B 123 9.02 -6.91 27.90
CA GLU B 123 7.83 -6.10 27.63
C GLU B 123 6.54 -6.85 27.97
N ARG B 124 6.69 -8.12 28.34
CA ARG B 124 5.54 -8.98 28.69
C ARG B 124 4.81 -8.46 29.93
N VAL B 125 3.50 -8.27 29.79
CA VAL B 125 2.64 -7.87 30.90
C VAL B 125 1.52 -8.89 31.16
N VAL B 126 1.43 -9.89 30.29
CA VAL B 126 0.43 -10.95 30.42
C VAL B 126 1.13 -12.31 30.57
N GLY B 127 0.87 -12.98 31.69
CA GLY B 127 1.47 -14.28 31.98
C GLY B 127 0.84 -15.43 31.23
N LYS B 128 1.44 -16.61 31.34
CA LYS B 128 0.97 -17.82 30.68
C LYS B 128 -0.32 -18.36 31.29
N GLU B 129 -0.47 -18.12 32.60
CA GLU B 129 -1.56 -18.67 33.41
C GLU B 129 -2.96 -18.32 32.90
N GLN B 130 -3.16 -17.03 32.58
CA GLN B 130 -4.47 -16.47 32.26
C GLN B 130 -5.21 -17.15 31.09
N GLY B 131 -4.46 -17.48 30.04
CA GLY B 131 -5.03 -18.10 28.85
C GLY B 131 -5.38 -19.56 28.98
N GLN B 132 -4.76 -20.23 29.97
CA GLN B 132 -4.92 -21.66 30.17
C GLN B 132 -6.31 -22.04 30.69
N ASN B 133 -6.90 -21.18 31.52
CA ASN B 133 -8.22 -21.41 32.12
C ASN B 133 -9.36 -21.37 31.11
N LEU B 134 -9.23 -20.48 30.13
CA LEU B 134 -10.25 -20.28 29.10
C LEU B 134 -10.12 -21.29 27.96
N ALA B 142 -7.56 -25.14 24.22
CA ALA B 142 -6.26 -25.14 23.56
C ALA B 142 -5.55 -23.80 23.73
N PHE B 143 -4.36 -23.85 24.34
CA PHE B 143 -3.57 -22.64 24.57
C PHE B 143 -2.13 -22.79 24.05
N LEU B 144 -1.70 -21.80 23.28
CA LEU B 144 -0.36 -21.77 22.71
C LEU B 144 0.26 -20.39 22.88
N GLU B 145 1.52 -20.37 23.32
CA GLU B 145 2.30 -19.13 23.32
C GLU B 145 3.20 -19.09 22.09
N SER B 146 2.71 -18.48 21.03
CA SER B 146 3.41 -18.42 19.74
C SER B 146 4.14 -17.10 19.51
N SER B 147 4.96 -17.07 18.46
CA SER B 147 5.65 -15.86 18.03
C SER B 147 5.80 -15.88 16.52
N ALA B 148 5.19 -14.91 15.85
CA ALA B 148 5.18 -14.84 14.39
C ALA B 148 6.57 -14.55 13.82
N LYS B 149 7.26 -13.59 14.44
CA LYS B 149 8.58 -13.16 13.98
C LYS B 149 9.68 -14.16 14.33
N SER B 150 9.54 -14.84 15.46
CA SER B 150 10.49 -15.86 15.89
C SER B 150 10.12 -17.27 15.41
N LYS B 151 9.05 -17.36 14.61
CA LYS B 151 8.61 -18.60 13.97
C LYS B 151 8.19 -19.70 14.98
N ILE B 152 8.03 -19.32 16.24
CA ILE B 152 7.62 -20.26 17.30
C ILE B 152 6.12 -20.57 17.20
N ASN B 153 5.81 -21.87 17.13
CA ASN B 153 4.43 -22.39 17.13
C ASN B 153 3.49 -21.83 16.05
N VAL B 154 4.07 -21.32 14.97
CA VAL B 154 3.29 -20.72 13.87
C VAL B 154 2.44 -21.78 13.14
N ASN B 155 3.07 -22.88 12.76
CA ASN B 155 2.38 -23.98 12.07
C ASN B 155 1.42 -24.72 12.99
N GLU B 156 1.80 -24.85 14.26
CA GLU B 156 1.05 -25.59 15.26
C GLU B 156 -0.38 -25.06 15.45
N ILE B 157 -0.53 -23.74 15.41
CA ILE B 157 -1.83 -23.06 15.52
C ILE B 157 -2.86 -23.65 14.55
N PHE B 158 -2.46 -23.78 13.28
CA PHE B 158 -3.38 -24.21 12.24
C PHE B 158 -3.48 -25.73 12.11
N TYR B 159 -2.60 -26.45 12.82
CA TYR B 159 -2.66 -27.92 12.86
C TYR B 159 -3.83 -28.40 13.72
N ASP B 160 -4.00 -27.78 14.89
CA ASP B 160 -5.04 -28.14 15.85
C ASP B 160 -6.46 -27.99 15.29
N LEU B 161 -6.65 -26.99 14.44
CA LEU B 161 -7.98 -26.67 13.90
C LEU B 161 -8.53 -27.70 12.92
N VAL B 162 -7.63 -28.30 12.12
CA VAL B 162 -8.03 -29.32 11.16
C VAL B 162 -8.34 -30.64 11.89
N ARG B 163 -7.62 -30.89 12.97
CA ARG B 163 -7.82 -32.06 13.81
C ARG B 163 -9.17 -32.01 14.52
N GLN B 164 -9.54 -30.82 14.99
CA GLN B 164 -10.82 -30.58 15.66
C GLN B 164 -11.98 -30.57 14.67
#